data_2D10
#
_entry.id   2D10
#
_cell.length_a   69.388
_cell.length_b   146.277
_cell.length_c   177.763
_cell.angle_alpha   90.00
_cell.angle_beta   90.00
_cell.angle_gamma   90.00
#
_symmetry.space_group_name_H-M   'P 21 21 21'
#
loop_
_entity.id
_entity.type
_entity.pdbx_description
1 polymer Radixin
2 polymer 'Ezrin-radixin-moesin binding phosphoprotein 50'
3 water water
#
loop_
_entity_poly.entity_id
_entity_poly.type
_entity_poly.pdbx_seq_one_letter_code
_entity_poly.pdbx_strand_id
1 'polypeptide(L)'
;GSMPKPINVRVTTMDAELEFAIQPNTTGKQLFDQVVKTVGLREVWFFGLQYVDSKGYSTWLKLNKKVTQQDVKKENPLQF
KFRAKFFPEDVSEELIQEITQRLFFLQVKEAILNDEIYCPPETAVLLASYAVQAKYGDYNKEIHKPGYLANDRLLPQRVL
EQHKLTKEQWEERIQNWHEEHRGMLREDSMMEYLKIAQDLEMYGVNYFEIKNKKGTELWLGVDALGLNIYEHDDKLTPKI
GFPWSEIRNISFNDKKFVIKPIDKKAPDFVFYAPRLRINKRILALCMGNHELYMRRRKPDTIEVQQMKAQAR
;
A,B,C,D
2 'polypeptide(L)' KERAHQKRSSKRAPQMDWSKKNELFSNL E,F,G,H
#
# COMPACT_ATOMS: atom_id res chain seq x y z
N LYS A 5 -0.86 1.84 -38.38
CA LYS A 5 -1.88 1.63 -39.46
C LYS A 5 -2.48 0.22 -39.40
N PRO A 6 -3.67 0.09 -38.77
CA PRO A 6 -4.33 1.09 -37.93
C PRO A 6 -4.15 0.77 -36.44
N ILE A 7 -4.09 1.80 -35.59
CA ILE A 7 -3.81 1.58 -34.17
C ILE A 7 -5.07 1.78 -33.29
N ASN A 8 -5.50 0.69 -32.65
CA ASN A 8 -6.66 0.72 -31.76
C ASN A 8 -6.37 1.46 -30.45
N VAL A 9 -7.27 2.36 -30.07
CA VAL A 9 -7.15 3.12 -28.83
C VAL A 9 -8.46 3.11 -28.04
N ARG A 10 -8.33 3.10 -26.72
CA ARG A 10 -9.46 3.21 -25.82
C ARG A 10 -9.27 4.44 -24.94
N VAL A 11 -10.21 5.38 -25.02
CA VAL A 11 -10.20 6.54 -24.15
C VAL A 11 -11.36 6.40 -23.16
N THR A 12 -11.05 6.54 -21.87
CA THR A 12 -12.08 6.46 -20.86
C THR A 12 -12.30 7.79 -20.12
N THR A 13 -13.55 8.27 -20.14
CA THR A 13 -13.94 9.37 -19.28
C THR A 13 -14.37 8.75 -17.95
N MET A 14 -14.84 9.57 -17.02
CA MET A 14 -15.29 9.06 -15.73
C MET A 14 -16.49 8.12 -15.83
N ASP A 15 -17.34 8.31 -16.85
CA ASP A 15 -18.53 7.47 -16.99
C ASP A 15 -18.77 6.86 -18.38
N ALA A 16 -17.78 6.91 -19.25
CA ALA A 16 -17.89 6.34 -20.59
C ALA A 16 -16.61 5.68 -21.08
N GLU A 17 -16.75 4.68 -21.94
CA GLU A 17 -15.60 4.09 -22.60
C GLU A 17 -15.71 4.25 -24.12
N LEU A 18 -14.70 4.90 -24.69
CA LEU A 18 -14.70 5.26 -26.10
C LEU A 18 -13.66 4.47 -26.88
N GLU A 19 -14.04 4.00 -28.07
CA GLU A 19 -13.14 3.21 -28.91
C GLU A 19 -12.89 3.92 -30.23
N PHE A 20 -11.63 4.28 -30.46
CA PHE A 20 -11.24 4.93 -31.70
C PHE A 20 -10.11 4.16 -32.39
N ALA A 21 -9.68 4.67 -33.54
CA ALA A 21 -8.51 4.16 -34.23
C ALA A 21 -7.66 5.32 -34.72
N ILE A 22 -6.34 5.18 -34.57
CA ILE A 22 -5.41 6.23 -35.01
C ILE A 22 -4.35 5.72 -35.98
N GLN A 23 -3.78 6.67 -36.72
CA GLN A 23 -2.68 6.42 -37.64
C GLN A 23 -1.35 6.90 -37.05
N PRO A 24 -0.21 6.33 -37.50
CA PRO A 24 1.12 6.70 -36.99
C PRO A 24 1.36 8.22 -36.91
N ASN A 25 0.68 8.99 -37.77
CA ASN A 25 0.83 10.44 -37.81
C ASN A 25 -0.14 11.23 -36.90
N THR A 26 -1.07 10.51 -36.27
CA THR A 26 -2.09 11.16 -35.42
C THR A 26 -1.44 11.92 -34.27
N THR A 27 -1.79 13.20 -34.14
CA THR A 27 -1.24 14.03 -33.06
C THR A 27 -2.10 13.94 -31.79
N GLY A 28 -1.49 14.25 -30.65
CA GLY A 28 -2.20 14.29 -29.37
C GLY A 28 -3.42 15.20 -29.40
N LYS A 29 -3.31 16.28 -30.17
CA LYS A 29 -4.40 17.25 -30.36
C LYS A 29 -5.58 16.65 -31.13
N GLN A 30 -5.29 15.73 -32.04
CA GLN A 30 -6.33 15.12 -32.86
C GLN A 30 -7.17 14.14 -32.07
N LEU A 31 -6.51 13.24 -31.34
CA LEU A 31 -7.20 12.32 -30.45
C LEU A 31 -8.01 13.09 -29.41
N PHE A 32 -7.42 14.14 -28.86
CA PHE A 32 -8.07 14.97 -27.84
C PHE A 32 -9.32 15.64 -28.39
N ASP A 33 -9.23 16.17 -29.61
CA ASP A 33 -10.36 16.85 -30.24
C ASP A 33 -11.49 15.88 -30.59
N GLN A 34 -11.14 14.65 -30.95
CA GLN A 34 -12.14 13.63 -31.21
C GLN A 34 -12.93 13.26 -29.95
N VAL A 35 -12.23 13.05 -28.84
CA VAL A 35 -12.88 12.78 -27.54
C VAL A 35 -13.86 13.90 -27.18
N VAL A 36 -13.41 15.14 -27.37
CA VAL A 36 -14.22 16.32 -27.09
C VAL A 36 -15.44 16.43 -28.02
N LYS A 37 -15.27 16.08 -29.29
CA LYS A 37 -16.38 16.04 -30.24
C LYS A 37 -17.41 14.98 -29.83
N THR A 38 -16.92 13.77 -29.53
CA THR A 38 -17.75 12.64 -29.12
C THR A 38 -18.57 12.92 -27.86
N VAL A 39 -17.92 13.53 -26.88
CA VAL A 39 -18.52 13.80 -25.58
C VAL A 39 -19.35 15.10 -25.59
N GLY A 40 -19.05 15.99 -26.52
CA GLY A 40 -19.80 17.24 -26.68
C GLY A 40 -19.40 18.32 -25.69
N LEU A 41 -18.19 18.21 -25.15
CA LEU A 41 -17.67 19.15 -24.16
C LEU A 41 -17.03 20.37 -24.85
N ARG A 42 -17.28 21.56 -24.30
CA ARG A 42 -16.72 22.80 -24.85
C ARG A 42 -15.69 23.46 -23.95
N GLU A 43 -15.81 23.26 -22.64
CA GLU A 43 -14.82 23.76 -21.68
C GLU A 43 -13.55 22.90 -21.70
N VAL A 44 -12.89 22.88 -22.85
CA VAL A 44 -11.78 21.94 -23.12
C VAL A 44 -10.49 22.27 -22.38
N TRP A 45 -10.39 23.51 -21.90
CA TRP A 45 -9.15 24.04 -21.33
C TRP A 45 -8.77 23.44 -19.96
N PHE A 46 -9.68 22.69 -19.36
CA PHE A 46 -9.41 22.04 -18.07
C PHE A 46 -8.80 20.64 -18.23
N PHE A 47 -8.95 20.06 -19.41
CA PHE A 47 -8.76 18.62 -19.57
C PHE A 47 -7.50 18.22 -20.34
N GLY A 48 -7.14 16.95 -20.21
CA GLY A 48 -6.09 16.35 -21.01
C GLY A 48 -6.30 14.86 -21.10
N LEU A 49 -5.32 14.16 -21.66
CA LEU A 49 -5.34 12.71 -21.70
C LEU A 49 -4.15 12.16 -20.91
N GLN A 50 -4.40 11.09 -20.19
CA GLN A 50 -3.37 10.42 -19.41
C GLN A 50 -3.05 9.10 -20.07
N TYR A 51 -1.79 8.72 -20.03
CA TYR A 51 -1.39 7.38 -20.44
C TYR A 51 -0.36 6.82 -19.48
N VAL A 52 -0.11 5.52 -19.59
CA VAL A 52 0.98 4.87 -18.90
C VAL A 52 2.06 4.61 -19.94
N ASP A 53 3.30 5.00 -19.64
CA ASP A 53 4.42 4.73 -20.55
C ASP A 53 5.01 3.33 -20.35
N SER A 54 6.00 2.99 -21.17
CA SER A 54 6.64 1.67 -21.11
C SER A 54 7.36 1.40 -19.79
N LYS A 55 7.68 2.46 -19.06
CA LYS A 55 8.36 2.33 -17.77
C LYS A 55 7.36 2.18 -16.63
N GLY A 56 6.09 2.47 -16.91
CA GLY A 56 5.02 2.29 -15.92
C GLY A 56 4.47 3.56 -15.31
N TYR A 57 5.04 4.71 -15.69
CA TYR A 57 4.64 6.00 -15.13
C TYR A 57 3.41 6.60 -15.80
N SER A 58 2.52 7.18 -15.00
CA SER A 58 1.37 7.93 -15.50
C SER A 58 1.85 9.28 -16.01
N THR A 59 1.53 9.57 -17.27
CA THR A 59 2.01 10.76 -17.94
C THR A 59 0.88 11.48 -18.67
N TRP A 60 0.89 12.80 -18.65
CA TRP A 60 -0.02 13.57 -19.47
C TRP A 60 0.46 13.56 -20.91
N LEU A 61 -0.46 13.26 -21.82
CA LEU A 61 -0.17 13.26 -23.26
C LEU A 61 0.06 14.69 -23.77
N LYS A 62 1.13 14.87 -24.55
CA LYS A 62 1.40 16.15 -25.19
C LYS A 62 0.59 16.24 -26.48
N LEU A 63 -0.11 17.36 -26.65
CA LEU A 63 -1.04 17.54 -27.76
C LEU A 63 -0.37 17.87 -29.09
N ASN A 64 0.57 18.81 -29.08
CA ASN A 64 1.27 19.20 -30.30
C ASN A 64 2.39 18.22 -30.67
N LYS A 65 2.13 16.94 -30.47
CA LYS A 65 3.10 15.87 -30.74
C LYS A 65 2.35 14.58 -31.11
N LYS A 66 2.97 13.78 -31.98
CA LYS A 66 2.41 12.50 -32.40
C LYS A 66 2.22 11.55 -31.23
N VAL A 67 1.11 10.81 -31.24
CA VAL A 67 0.80 9.84 -30.19
C VAL A 67 1.83 8.70 -30.17
N THR A 68 2.21 8.22 -31.34
CA THR A 68 3.16 7.12 -31.48
C THR A 68 4.61 7.48 -31.12
N GLN A 69 4.88 8.76 -30.92
CA GLN A 69 6.21 9.21 -30.54
C GLN A 69 6.25 9.75 -29.10
N GLN A 70 5.51 9.09 -28.21
CA GLN A 70 5.45 9.49 -26.81
C GLN A 70 5.59 8.30 -25.87
N ASP A 71 6.02 7.17 -26.42
CA ASP A 71 6.35 5.96 -25.65
C ASP A 71 5.16 5.47 -24.80
N VAL A 72 4.00 5.39 -25.44
CA VAL A 72 2.79 4.86 -24.82
C VAL A 72 2.97 3.35 -24.69
N LYS A 73 2.58 2.80 -23.53
CA LYS A 73 2.69 1.36 -23.30
C LYS A 73 2.06 0.58 -24.45
N LYS A 74 2.85 -0.30 -25.06
CA LYS A 74 2.41 -1.06 -26.23
C LYS A 74 1.44 -2.17 -25.82
N GLU A 75 0.18 -1.99 -26.20
CA GLU A 75 -0.90 -2.95 -25.92
C GLU A 75 -2.07 -2.73 -26.88
N ASN A 76 -2.94 -3.73 -27.00
CA ASN A 76 -4.08 -3.66 -27.91
C ASN A 76 -5.40 -3.66 -27.15
N PRO A 77 -6.07 -2.50 -27.06
CA PRO A 77 -5.72 -1.18 -27.57
C PRO A 77 -4.84 -0.36 -26.62
N LEU A 78 -4.34 0.78 -27.08
CA LEU A 78 -3.66 1.74 -26.20
C LEU A 78 -4.67 2.40 -25.27
N GLN A 79 -4.30 2.51 -23.98
CA GLN A 79 -5.22 2.99 -22.95
C GLN A 79 -5.03 4.47 -22.57
N PHE A 80 -6.14 5.22 -22.57
CA PHE A 80 -6.14 6.64 -22.21
C PHE A 80 -7.26 7.00 -21.23
N LYS A 81 -6.95 7.91 -20.31
CA LYS A 81 -7.95 8.49 -19.41
C LYS A 81 -8.13 9.97 -19.73
N PHE A 82 -9.39 10.36 -19.98
CA PHE A 82 -9.75 11.75 -20.16
C PHE A 82 -10.10 12.32 -18.80
N ARG A 83 -9.26 13.23 -18.31
CA ARG A 83 -9.42 13.78 -16.95
C ARG A 83 -9.17 15.28 -16.92
N ALA A 84 -9.65 15.93 -15.85
CA ALA A 84 -9.36 17.34 -15.61
C ALA A 84 -7.94 17.49 -15.09
N LYS A 85 -7.15 18.33 -15.76
CA LYS A 85 -5.79 18.62 -15.35
C LYS A 85 -5.76 19.94 -14.57
N PHE A 86 -6.75 20.78 -14.83
CA PHE A 86 -6.86 22.07 -14.17
C PHE A 86 -8.25 22.24 -13.58
N PHE A 87 -8.32 23.05 -12.53
CA PHE A 87 -9.54 23.22 -11.78
C PHE A 87 -9.89 24.70 -11.69
N PRO A 88 -11.18 25.04 -11.89
CA PRO A 88 -11.60 26.43 -11.82
C PRO A 88 -11.45 26.99 -10.42
N GLU A 89 -11.34 28.31 -10.31
CA GLU A 89 -11.32 28.99 -9.02
C GLU A 89 -12.69 28.91 -8.34
N ASP A 90 -13.74 28.80 -9.14
CA ASP A 90 -15.10 28.67 -8.63
C ASP A 90 -15.93 27.84 -9.59
N VAL A 91 -16.48 26.73 -9.10
CA VAL A 91 -17.25 25.81 -9.93
C VAL A 91 -18.54 26.42 -10.50
N SER A 92 -19.21 27.23 -9.70
CA SER A 92 -20.48 27.85 -10.07
C SER A 92 -20.36 28.75 -11.29
N GLU A 93 -19.27 29.50 -11.35
CA GLU A 93 -19.09 30.51 -12.39
C GLU A 93 -18.43 30.01 -13.65
N GLU A 94 -17.75 28.87 -13.57
CA GLU A 94 -16.88 28.41 -14.66
C GLU A 94 -17.31 27.09 -15.31
N LEU A 95 -18.02 26.25 -14.57
CA LEU A 95 -18.54 25.00 -15.13
C LEU A 95 -19.98 25.21 -15.60
N ILE A 96 -20.11 25.60 -16.87
CA ILE A 96 -21.40 25.99 -17.45
C ILE A 96 -22.22 24.79 -17.96
N GLN A 97 -21.60 23.94 -18.78
CA GLN A 97 -22.26 22.75 -19.31
C GLN A 97 -22.46 21.68 -18.24
N GLU A 98 -23.48 20.83 -18.42
CA GLU A 98 -23.74 19.78 -17.44
C GLU A 98 -22.75 18.61 -17.55
N ILE A 99 -22.23 18.39 -18.77
CA ILE A 99 -21.23 17.35 -18.99
C ILE A 99 -19.94 17.67 -18.22
N THR A 100 -19.55 18.95 -18.26
CA THR A 100 -18.38 19.44 -17.53
C THR A 100 -18.61 19.27 -16.02
N GLN A 101 -19.81 19.58 -15.57
CA GLN A 101 -20.19 19.43 -14.17
C GLN A 101 -20.13 17.97 -13.74
N ARG A 102 -20.73 17.09 -14.55
CA ARG A 102 -20.75 15.65 -14.27
C ARG A 102 -19.33 15.06 -14.20
N LEU A 103 -18.52 15.31 -15.22
CA LEU A 103 -17.13 14.83 -15.26
C LEU A 103 -16.28 15.32 -14.08
N PHE A 104 -16.47 16.57 -13.66
CA PHE A 104 -15.79 17.10 -12.48
C PHE A 104 -16.28 16.48 -11.18
N PHE A 105 -17.59 16.47 -10.99
CA PHE A 105 -18.21 15.77 -9.87
C PHE A 105 -17.64 14.36 -9.68
N LEU A 106 -17.66 13.57 -10.75
CA LEU A 106 -17.22 12.17 -10.69
C LEU A 106 -15.72 12.01 -10.37
N GLN A 107 -14.88 12.86 -10.96
CA GLN A 107 -13.44 12.84 -10.71
C GLN A 107 -13.09 13.25 -9.27
N VAL A 108 -13.72 14.32 -8.78
CA VAL A 108 -13.50 14.81 -7.42
C VAL A 108 -13.99 13.81 -6.37
N LYS A 109 -15.19 13.26 -6.59
CA LYS A 109 -15.73 12.23 -5.70
C LYS A 109 -14.77 11.06 -5.54
N GLU A 110 -14.25 10.59 -6.67
CA GLU A 110 -13.30 9.47 -6.70
C GLU A 110 -12.04 9.77 -5.88
N ALA A 111 -11.53 11.00 -6.02
CA ALA A 111 -10.34 11.45 -5.29
C ALA A 111 -10.60 11.59 -3.78
N ILE A 112 -11.84 11.89 -3.41
CA ILE A 112 -12.22 11.99 -2.00
C ILE A 112 -12.36 10.60 -1.39
N LEU A 113 -12.96 9.69 -2.14
CA LEU A 113 -13.16 8.30 -1.70
C LEU A 113 -11.85 7.50 -1.64
N ASN A 114 -10.92 7.82 -2.54
CA ASN A 114 -9.59 7.21 -2.57
C ASN A 114 -8.63 7.81 -1.55
N ASP A 115 -9.15 8.70 -0.71
CA ASP A 115 -8.36 9.40 0.33
C ASP A 115 -7.24 10.30 -0.23
N GLU A 116 -7.35 10.71 -1.49
CA GLU A 116 -6.36 11.58 -2.11
C GLU A 116 -6.61 13.04 -1.77
N ILE A 117 -7.88 13.42 -1.63
CA ILE A 117 -8.25 14.73 -1.09
C ILE A 117 -8.77 14.46 0.32
N TYR A 118 -8.12 15.05 1.33
CA TYR A 118 -8.59 14.84 2.71
C TYR A 118 -9.97 15.45 2.93
N CYS A 119 -10.81 14.71 3.65
CA CYS A 119 -12.14 15.19 3.98
C CYS A 119 -12.55 14.70 5.37
N PRO A 120 -12.87 15.64 6.28
CA PRO A 120 -13.28 15.26 7.64
C PRO A 120 -14.65 14.55 7.66
N PRO A 121 -14.97 13.81 8.74
CA PRO A 121 -16.13 12.90 8.74
C PRO A 121 -17.48 13.54 8.41
N GLU A 122 -17.88 14.56 9.17
CA GLU A 122 -19.20 15.19 8.98
C GLU A 122 -19.41 15.65 7.55
N THR A 123 -18.40 16.36 7.01
CA THR A 123 -18.39 16.81 5.63
C THR A 123 -18.50 15.65 4.64
N ALA A 124 -17.73 14.59 4.90
CA ALA A 124 -17.77 13.36 4.07
C ALA A 124 -19.16 12.76 4.02
N VAL A 125 -19.83 12.68 5.17
CA VAL A 125 -21.20 12.19 5.29
C VAL A 125 -22.15 13.07 4.46
N LEU A 126 -22.02 14.39 4.62
CA LEU A 126 -22.83 15.33 3.86
C LEU A 126 -22.55 15.20 2.36
N LEU A 127 -21.29 15.08 1.98
CA LEU A 127 -20.93 14.86 0.58
C LEU A 127 -21.54 13.56 0.03
N ALA A 128 -21.44 12.48 0.79
CA ALA A 128 -22.02 11.19 0.40
C ALA A 128 -23.51 11.36 0.14
N SER A 129 -24.14 12.11 1.03
CA SER A 129 -25.54 12.47 0.96
C SER A 129 -25.96 13.09 -0.39
N TYR A 130 -25.13 13.97 -0.93
CA TYR A 130 -25.42 14.57 -2.24
C TYR A 130 -25.19 13.59 -3.38
N ALA A 131 -24.19 12.72 -3.21
CA ALA A 131 -23.92 11.67 -4.19
C ALA A 131 -25.11 10.72 -4.27
N VAL A 132 -25.69 10.41 -3.10
CA VAL A 132 -26.87 9.54 -3.01
C VAL A 132 -28.08 10.20 -3.67
N GLN A 133 -28.30 11.48 -3.38
CA GLN A 133 -29.36 12.25 -4.03
C GLN A 133 -29.21 12.28 -5.55
N ALA A 134 -27.96 12.42 -6.02
CA ALA A 134 -27.66 12.46 -7.45
C ALA A 134 -27.91 11.13 -8.15
N LYS A 135 -27.55 10.05 -7.48
CA LYS A 135 -27.74 8.69 -8.01
C LYS A 135 -29.18 8.21 -7.84
N TYR A 136 -29.74 8.36 -6.64
CA TYR A 136 -31.01 7.73 -6.31
C TYR A 136 -32.26 8.55 -6.58
N GLY A 137 -32.11 9.88 -6.64
CA GLY A 137 -33.27 10.76 -6.65
C GLY A 137 -33.84 10.90 -5.25
N ASP A 138 -35.06 11.43 -5.16
CA ASP A 138 -35.73 11.67 -3.88
C ASP A 138 -35.79 10.41 -3.02
N TYR A 139 -35.59 10.59 -1.71
CA TYR A 139 -35.81 9.51 -0.76
C TYR A 139 -37.24 8.99 -0.86
N ASN A 140 -37.39 7.68 -0.76
CA ASN A 140 -38.69 7.03 -0.88
C ASN A 140 -38.74 5.82 0.04
N LYS A 141 -39.58 5.92 1.06
CA LYS A 141 -39.71 4.90 2.11
C LYS A 141 -40.05 3.51 1.56
N GLU A 142 -40.83 3.47 0.50
CA GLU A 142 -41.25 2.23 -0.13
C GLU A 142 -40.10 1.52 -0.85
N ILE A 143 -39.23 2.29 -1.51
CA ILE A 143 -38.09 1.72 -2.24
C ILE A 143 -36.83 1.62 -1.37
N HIS A 144 -36.53 2.68 -0.63
CA HIS A 144 -35.28 2.79 0.11
C HIS A 144 -35.40 2.31 1.55
N LYS A 145 -35.80 1.06 1.71
CA LYS A 145 -35.84 0.42 3.03
C LYS A 145 -34.41 0.24 3.55
N PRO A 146 -34.23 0.13 4.88
CA PRO A 146 -32.88 -0.01 5.46
C PRO A 146 -32.04 -1.06 4.76
N GLY A 147 -30.77 -0.75 4.53
CA GLY A 147 -29.86 -1.60 3.76
C GLY A 147 -29.70 -1.20 2.30
N TYR A 148 -30.47 -0.22 1.84
CA TYR A 148 -30.44 0.18 0.42
C TYR A 148 -29.10 0.76 -0.06
N LEU A 149 -28.24 1.15 0.89
CA LEU A 149 -26.95 1.77 0.55
C LEU A 149 -25.77 0.83 0.76
N ALA A 150 -26.07 -0.46 0.95
CA ALA A 150 -25.04 -1.45 1.28
C ALA A 150 -24.04 -1.71 0.16
N ASN A 151 -24.48 -1.51 -1.09
CA ASN A 151 -23.64 -1.73 -2.26
C ASN A 151 -23.18 -0.40 -2.88
N ASP A 152 -23.05 0.63 -2.04
CA ASP A 152 -22.49 1.90 -2.47
C ASP A 152 -21.20 2.18 -1.72
N ARG A 153 -20.20 2.70 -2.42
CA ARG A 153 -18.99 3.20 -1.79
C ARG A 153 -19.21 4.70 -1.51
N LEU A 154 -19.44 5.01 -0.23
CA LEU A 154 -19.94 6.34 0.14
C LEU A 154 -18.95 7.20 0.90
N LEU A 155 -18.10 6.56 1.68
CA LEU A 155 -17.18 7.28 2.58
C LEU A 155 -15.72 6.95 2.29
N PRO A 156 -14.82 7.93 2.52
CA PRO A 156 -13.40 7.63 2.44
C PRO A 156 -12.98 6.64 3.52
N GLN A 157 -12.03 5.77 3.19
CA GLN A 157 -11.51 4.73 4.08
C GLN A 157 -11.01 5.30 5.41
N ARG A 158 -10.35 6.46 5.33
CA ARG A 158 -9.90 7.22 6.51
C ARG A 158 -11.01 7.43 7.54
N VAL A 159 -12.23 7.69 7.05
CA VAL A 159 -13.40 7.89 7.92
C VAL A 159 -13.88 6.59 8.55
N LEU A 160 -13.96 5.53 7.73
CA LEU A 160 -14.47 4.23 8.18
C LEU A 160 -13.61 3.55 9.24
N GLU A 161 -12.37 4.00 9.41
CA GLU A 161 -11.41 3.41 10.34
C GLU A 161 -11.35 4.11 11.70
N GLN A 162 -11.47 5.43 11.68
CA GLN A 162 -11.23 6.26 12.88
C GLN A 162 -12.34 6.16 13.92
N HIS A 163 -13.53 5.79 13.48
CA HIS A 163 -14.68 5.77 14.38
C HIS A 163 -15.07 4.37 14.87
N LYS A 164 -15.94 4.36 15.87
CA LYS A 164 -16.53 3.12 16.38
C LYS A 164 -17.76 2.71 15.58
N LEU A 165 -18.31 3.65 14.80
CA LEU A 165 -19.54 3.41 14.04
C LEU A 165 -19.41 2.23 13.07
N THR A 166 -20.47 1.42 12.99
CA THR A 166 -20.53 0.31 12.05
C THR A 166 -20.87 0.85 10.66
N LYS A 167 -20.64 0.03 9.63
CA LYS A 167 -21.02 0.37 8.26
C LYS A 167 -22.48 0.79 8.18
N GLU A 168 -23.36 0.00 8.78
CA GLU A 168 -24.81 0.26 8.81
C GLU A 168 -25.18 1.56 9.51
N GLN A 169 -24.48 1.87 10.61
CA GLN A 169 -24.69 3.13 11.33
C GLN A 169 -24.31 4.34 10.47
N TRP A 170 -23.20 4.22 9.74
CA TRP A 170 -22.77 5.24 8.77
C TRP A 170 -23.81 5.43 7.68
N GLU A 171 -24.37 4.32 7.20
CA GLU A 171 -25.40 4.35 6.17
C GLU A 171 -26.71 4.98 6.68
N GLU A 172 -26.97 4.83 7.98
CA GLU A 172 -28.11 5.50 8.60
C GLU A 172 -27.90 7.01 8.65
N ARG A 173 -26.70 7.42 9.05
CA ARG A 173 -26.31 8.84 9.07
C ARG A 173 -26.47 9.48 7.69
N ILE A 174 -26.05 8.76 6.65
CA ILE A 174 -26.15 9.24 5.27
C ILE A 174 -27.61 9.27 4.80
N GLN A 175 -28.37 8.23 5.14
CA GLN A 175 -29.80 8.19 4.85
C GLN A 175 -30.53 9.40 5.44
N ASN A 176 -30.22 9.72 6.71
CA ASN A 176 -30.82 10.86 7.40
C ASN A 176 -30.68 12.18 6.64
N TRP A 177 -29.50 12.40 6.06
CA TRP A 177 -29.24 13.60 5.24
C TRP A 177 -29.95 13.52 3.90
N HIS A 178 -29.93 12.34 3.28
CA HIS A 178 -30.57 12.11 1.98
C HIS A 178 -32.06 12.48 1.99
N GLU A 179 -32.76 12.07 3.04
CA GLU A 179 -34.17 12.41 3.25
C GLU A 179 -34.41 13.92 3.16
N GLU A 180 -33.43 14.70 3.61
CA GLU A 180 -33.59 16.15 3.69
C GLU A 180 -33.33 16.88 2.37
N HIS A 181 -32.86 16.16 1.36
CA HIS A 181 -32.60 16.74 0.04
C HIS A 181 -33.77 16.54 -0.94
N ARG A 182 -34.93 16.18 -0.39
CA ARG A 182 -36.17 15.91 -1.14
C ARG A 182 -36.18 16.27 -2.63
N GLY A 183 -36.51 17.52 -2.96
CA GLY A 183 -36.72 17.88 -4.37
C GLY A 183 -35.51 18.39 -5.13
N MET A 184 -34.32 17.93 -4.75
CA MET A 184 -33.09 18.40 -5.38
C MET A 184 -32.78 17.58 -6.63
N LEU A 185 -32.60 18.27 -7.75
CA LEU A 185 -32.33 17.63 -9.02
C LEU A 185 -30.88 17.15 -9.09
N ARG A 186 -30.62 16.21 -10.00
CA ARG A 186 -29.29 15.59 -10.15
C ARG A 186 -28.18 16.62 -10.36
N GLU A 187 -28.40 17.53 -11.30
CA GLU A 187 -27.43 18.58 -11.66
C GLU A 187 -27.11 19.47 -10.47
N ASP A 188 -28.15 19.89 -9.75
CA ASP A 188 -28.01 20.74 -8.57
C ASP A 188 -27.31 20.01 -7.44
N SER A 189 -27.61 18.71 -7.32
CA SER A 189 -27.01 17.87 -6.30
C SER A 189 -25.50 17.68 -6.53
N MET A 190 -25.12 17.50 -7.79
CA MET A 190 -23.70 17.40 -8.15
C MET A 190 -22.97 18.73 -7.92
N MET A 191 -23.65 19.84 -8.20
CA MET A 191 -23.06 21.17 -8.01
C MET A 191 -22.90 21.51 -6.52
N GLU A 192 -23.87 21.09 -5.71
CA GLU A 192 -23.79 21.30 -4.27
C GLU A 192 -22.62 20.51 -3.66
N TYR A 193 -22.40 19.29 -4.16
CA TYR A 193 -21.25 18.48 -3.80
C TYR A 193 -19.95 19.22 -4.13
N LEU A 194 -19.88 19.73 -5.35
CA LEU A 194 -18.69 20.42 -5.84
C LEU A 194 -18.38 21.70 -5.08
N LYS A 195 -19.42 22.43 -4.70
CA LYS A 195 -19.29 23.68 -3.95
C LYS A 195 -18.68 23.45 -2.57
N ILE A 196 -19.08 22.34 -1.94
CA ILE A 196 -18.54 21.97 -0.64
C ILE A 196 -17.12 21.45 -0.80
N ALA A 197 -16.90 20.62 -1.82
CA ALA A 197 -15.61 20.01 -2.07
C ALA A 197 -14.52 21.04 -2.37
N GLN A 198 -14.85 22.05 -3.18
CA GLN A 198 -13.85 23.04 -3.60
C GLN A 198 -13.24 23.85 -2.47
N ASP A 199 -13.91 23.87 -1.31
CA ASP A 199 -13.40 24.57 -0.14
C ASP A 199 -12.49 23.69 0.72
N LEU A 200 -12.39 22.41 0.39
CA LEU A 200 -11.47 21.53 1.11
C LEU A 200 -10.04 21.98 0.83
N GLU A 201 -9.24 21.98 1.88
CA GLU A 201 -7.85 22.46 1.80
C GLU A 201 -7.02 21.77 0.70
N MET A 202 -7.20 20.46 0.51
CA MET A 202 -6.40 19.70 -0.46
C MET A 202 -6.98 19.72 -1.88
N TYR A 203 -8.17 20.28 -2.03
CA TYR A 203 -8.87 20.29 -3.32
C TYR A 203 -8.11 21.14 -4.35
N GLY A 204 -7.95 20.58 -5.54
CA GLY A 204 -7.35 21.28 -6.67
C GLY A 204 -5.87 21.58 -6.57
N VAL A 205 -5.17 20.98 -5.62
CA VAL A 205 -3.74 21.23 -5.50
C VAL A 205 -2.88 20.01 -5.84
N ASN A 206 -1.92 20.20 -6.72
CA ASN A 206 -0.96 19.17 -7.04
C ASN A 206 0.23 19.26 -6.07
N TYR A 207 0.48 18.17 -5.34
CA TYR A 207 1.57 18.12 -4.36
C TYR A 207 2.82 17.42 -4.91
N PHE A 208 3.98 18.01 -4.64
CA PHE A 208 5.26 17.45 -5.07
C PHE A 208 6.29 17.47 -3.93
N GLU A 209 7.08 16.40 -3.83
CA GLU A 209 8.20 16.32 -2.87
C GLU A 209 9.24 17.39 -3.21
N ILE A 210 9.56 18.23 -2.23
CA ILE A 210 10.42 19.39 -2.45
C ILE A 210 11.49 19.56 -1.34
N LYS A 211 12.52 20.36 -1.62
CA LYS A 211 13.56 20.67 -0.62
C LYS A 211 14.02 22.12 -0.60
N ASN A 212 14.48 22.58 0.57
CA ASN A 212 15.14 23.88 0.69
C ASN A 212 16.68 23.74 0.69
N LYS A 213 17.40 24.82 1.01
CA LYS A 213 18.87 24.81 1.02
C LYS A 213 19.40 23.80 2.04
N LYS A 214 18.83 23.82 3.24
CA LYS A 214 19.20 22.93 4.34
C LYS A 214 18.94 21.46 4.03
N GLY A 215 18.16 21.19 2.98
CA GLY A 215 17.82 19.82 2.60
C GLY A 215 16.56 19.29 3.26
N THR A 216 15.80 20.20 3.88
CA THR A 216 14.57 19.85 4.57
C THR A 216 13.48 19.46 3.58
N GLU A 217 12.87 18.31 3.81
CA GLU A 217 11.80 17.80 2.94
C GLU A 217 10.49 18.55 3.21
N LEU A 218 9.94 19.14 2.14
CA LEU A 218 8.68 19.87 2.22
C LEU A 218 7.72 19.45 1.09
N TRP A 219 6.55 20.08 1.05
CA TRP A 219 5.63 19.93 -0.06
C TRP A 219 5.51 21.22 -0.84
N LEU A 220 5.47 21.10 -2.16
CA LEU A 220 5.12 22.21 -3.04
C LEU A 220 3.70 21.97 -3.53
N GLY A 221 2.89 23.02 -3.48
CA GLY A 221 1.51 22.95 -3.93
C GLY A 221 1.31 23.87 -5.12
N VAL A 222 0.84 23.30 -6.22
CA VAL A 222 0.47 24.06 -7.42
C VAL A 222 -1.04 23.99 -7.60
N ASP A 223 -1.68 25.16 -7.64
CA ASP A 223 -3.13 25.24 -7.81
C ASP A 223 -3.58 26.46 -8.64
N ALA A 224 -4.89 26.70 -8.65
CA ALA A 224 -5.50 27.75 -9.46
C ALA A 224 -5.11 29.16 -9.03
N LEU A 225 -4.77 29.31 -7.75
CA LEU A 225 -4.47 30.61 -7.16
C LEU A 225 -2.98 30.93 -7.09
N GLY A 226 -2.13 29.91 -7.16
CA GLY A 226 -0.69 30.12 -7.14
C GLY A 226 0.12 28.97 -6.57
N LEU A 227 1.28 29.29 -6.00
CA LEU A 227 2.15 28.28 -5.39
C LEU A 227 2.08 28.36 -3.87
N ASN A 228 2.19 27.20 -3.22
CA ASN A 228 2.20 27.14 -1.75
C ASN A 228 3.24 26.16 -1.24
N ILE A 229 3.84 26.48 -0.09
CA ILE A 229 4.78 25.57 0.56
C ILE A 229 4.17 25.03 1.85
N TYR A 230 4.21 23.70 1.98
CA TYR A 230 3.66 23.00 3.13
C TYR A 230 4.78 22.27 3.86
N GLU A 231 4.66 22.20 5.19
CA GLU A 231 5.53 21.33 5.96
C GLU A 231 5.19 19.88 5.68
N HIS A 232 6.19 19.01 5.77
CA HIS A 232 6.09 17.66 5.23
C HIS A 232 4.95 16.81 5.76
N ASP A 233 4.53 17.07 6.99
CA ASP A 233 3.47 16.28 7.61
C ASP A 233 2.15 17.04 7.77
N ASP A 234 2.00 18.12 7.02
CA ASP A 234 0.76 18.90 7.06
C ASP A 234 0.42 19.50 5.68
N LYS A 235 -0.29 18.72 4.88
CA LYS A 235 -0.67 19.15 3.53
C LYS A 235 -1.89 20.09 3.55
N LEU A 236 -2.46 20.32 4.72
CA LEU A 236 -3.66 21.15 4.88
C LEU A 236 -3.36 22.63 5.14
N THR A 237 -2.15 22.92 5.62
CA THR A 237 -1.81 24.26 6.08
C THR A 237 -0.67 24.89 5.27
N PRO A 238 -1.02 25.81 4.37
CA PRO A 238 0.01 26.54 3.64
C PRO A 238 0.86 27.38 4.61
N LYS A 239 2.17 27.34 4.42
CA LYS A 239 3.07 28.05 5.31
C LYS A 239 3.61 29.31 4.64
N ILE A 240 3.82 29.21 3.33
CA ILE A 240 4.24 30.33 2.49
C ILE A 240 3.45 30.24 1.18
N GLY A 241 2.97 31.38 0.69
CA GLY A 241 2.20 31.44 -0.55
C GLY A 241 2.80 32.31 -1.65
N PHE A 242 2.66 31.86 -2.90
CA PHE A 242 3.08 32.63 -4.06
C PHE A 242 1.92 32.78 -5.05
N PRO A 243 1.10 33.84 -4.90
CA PRO A 243 0.00 34.08 -5.83
C PRO A 243 0.52 34.31 -7.25
N TRP A 244 -0.26 33.89 -8.24
CA TRP A 244 0.14 34.01 -9.64
C TRP A 244 0.45 35.45 -10.07
N SER A 245 -0.28 36.41 -9.50
CA SER A 245 -0.10 37.82 -9.81
C SER A 245 1.26 38.38 -9.37
N GLU A 246 1.94 37.69 -8.45
CA GLU A 246 3.25 38.09 -7.97
C GLU A 246 4.41 37.35 -8.66
N ILE A 247 4.09 36.58 -9.71
CA ILE A 247 5.10 35.75 -10.39
C ILE A 247 5.38 36.23 -11.81
N ARG A 248 6.67 36.35 -12.13
CA ARG A 248 7.11 36.77 -13.47
C ARG A 248 7.53 35.58 -14.33
N ASN A 249 8.30 34.66 -13.74
CA ASN A 249 8.83 33.52 -14.47
C ASN A 249 9.04 32.30 -13.59
N ILE A 250 8.87 31.13 -14.19
CA ILE A 250 9.20 29.86 -13.55
C ILE A 250 10.01 29.01 -14.52
N SER A 251 11.16 28.52 -14.07
CA SER A 251 12.00 27.62 -14.85
C SER A 251 12.74 26.65 -13.94
N PHE A 252 13.22 25.55 -14.53
CA PHE A 252 14.03 24.59 -13.79
C PHE A 252 15.19 24.06 -14.63
N ASN A 253 16.27 23.71 -13.94
CA ASN A 253 17.43 23.12 -14.59
C ASN A 253 18.04 22.02 -13.72
N ASP A 254 18.07 20.81 -14.28
CA ASP A 254 18.46 19.58 -13.57
C ASP A 254 17.54 19.30 -12.38
N LYS A 255 17.83 19.93 -11.24
CA LYS A 255 17.06 19.71 -10.01
C LYS A 255 16.66 20.99 -9.29
N LYS A 256 16.99 22.15 -9.86
CA LYS A 256 16.70 23.43 -9.23
C LYS A 256 15.63 24.25 -9.94
N PHE A 257 14.61 24.65 -9.20
CA PHE A 257 13.56 25.54 -9.68
C PHE A 257 13.82 26.98 -9.26
N VAL A 258 13.71 27.90 -10.21
CA VAL A 258 13.86 29.32 -9.91
C VAL A 258 12.57 30.06 -10.24
N ILE A 259 12.01 30.74 -9.24
CA ILE A 259 10.82 31.55 -9.41
C ILE A 259 11.18 33.03 -9.30
N LYS A 260 11.02 33.75 -10.41
CA LYS A 260 11.34 35.17 -10.48
C LYS A 260 10.09 36.00 -10.26
N PRO A 261 10.19 37.03 -9.39
CA PRO A 261 9.02 37.84 -9.04
C PRO A 261 8.73 38.99 -10.01
N ILE A 262 7.54 39.58 -9.90
CA ILE A 262 7.17 40.76 -10.68
C ILE A 262 8.00 41.96 -10.22
N ASP A 263 8.05 42.14 -8.90
CA ASP A 263 8.73 43.29 -8.26
C ASP A 263 10.07 43.70 -8.89
N LYS A 264 10.89 42.73 -9.27
CA LYS A 264 12.22 42.96 -9.85
C LYS A 264 13.23 43.45 -8.82
N LYS A 265 12.77 44.24 -7.85
CA LYS A 265 13.59 44.67 -6.71
C LYS A 265 13.52 43.66 -5.56
N ALA A 266 12.95 42.48 -5.86
CA ALA A 266 12.80 41.41 -4.87
C ALA A 266 13.65 40.19 -5.23
N PRO A 267 14.13 39.46 -4.21
CA PRO A 267 14.98 38.28 -4.43
C PRO A 267 14.27 37.12 -5.14
N ASP A 268 15.05 36.30 -5.84
CA ASP A 268 14.53 35.09 -6.45
C ASP A 268 14.26 34.03 -5.39
N PHE A 269 13.15 33.31 -5.57
CA PHE A 269 12.83 32.17 -4.73
C PHE A 269 13.26 30.90 -5.45
N VAL A 270 14.06 30.08 -4.78
CA VAL A 270 14.56 28.84 -5.37
C VAL A 270 14.28 27.64 -4.48
N PHE A 271 13.98 26.51 -5.11
CA PHE A 271 13.82 25.25 -4.39
C PHE A 271 14.31 24.07 -5.23
N TYR A 272 14.41 22.90 -4.63
CA TYR A 272 14.96 21.72 -5.30
C TYR A 272 13.95 20.59 -5.40
N ALA A 273 13.91 19.97 -6.58
CA ALA A 273 13.01 18.85 -6.86
C ALA A 273 13.76 17.76 -7.64
N PRO A 274 13.75 16.52 -7.11
CA PRO A 274 14.66 15.44 -7.50
C PRO A 274 14.56 14.89 -8.93
N ARG A 275 13.33 14.71 -9.44
CA ARG A 275 13.13 13.95 -10.69
C ARG A 275 12.72 14.80 -11.90
N LEU A 276 13.41 14.60 -13.03
CA LEU A 276 13.16 15.34 -14.27
C LEU A 276 11.73 15.12 -14.79
N ARG A 277 11.33 13.85 -14.80
CA ARG A 277 9.99 13.43 -15.18
C ARG A 277 8.94 14.27 -14.44
N ILE A 278 9.09 14.35 -13.13
CA ILE A 278 8.18 15.10 -12.27
C ILE A 278 8.26 16.61 -12.52
N ASN A 279 9.49 17.13 -12.65
CA ASN A 279 9.72 18.57 -12.85
C ASN A 279 9.05 19.14 -14.11
N LYS A 280 9.04 18.35 -15.18
CA LYS A 280 8.33 18.70 -16.41
C LYS A 280 6.85 18.92 -16.14
N ARG A 281 6.23 18.02 -15.38
CA ARG A 281 4.84 18.14 -14.98
C ARG A 281 4.60 19.36 -14.08
N ILE A 282 5.55 19.64 -13.19
CA ILE A 282 5.48 20.83 -12.33
C ILE A 282 5.47 22.10 -13.17
N LEU A 283 6.41 22.20 -14.10
CA LEU A 283 6.52 23.34 -15.01
C LEU A 283 5.23 23.54 -15.81
N ALA A 284 4.74 22.47 -16.44
CA ALA A 284 3.51 22.52 -17.25
C ALA A 284 2.27 22.94 -16.47
N LEU A 285 2.17 22.48 -15.23
CA LEU A 285 1.05 22.83 -14.37
C LEU A 285 1.09 24.29 -13.93
N CYS A 286 2.29 24.81 -13.71
CA CYS A 286 2.46 26.23 -13.37
C CYS A 286 2.03 27.12 -14.53
N MET A 287 2.53 26.83 -15.73
CA MET A 287 2.23 27.62 -16.91
C MET A 287 0.73 27.65 -17.20
N GLY A 288 0.10 26.47 -17.19
CA GLY A 288 -1.34 26.33 -17.42
C GLY A 288 -2.18 27.05 -16.38
N ASN A 289 -1.86 26.83 -15.10
CA ASN A 289 -2.57 27.50 -14.01
C ASN A 289 -2.37 29.01 -14.01
N HIS A 290 -1.20 29.45 -14.49
CA HIS A 290 -0.92 30.87 -14.62
C HIS A 290 -1.68 31.50 -15.79
N GLU A 291 -1.75 30.80 -16.92
CA GLU A 291 -2.46 31.29 -18.11
C GLU A 291 -3.96 31.40 -17.88
N LEU A 292 -4.55 30.39 -17.23
CA LEU A 292 -5.98 30.39 -16.89
C LEU A 292 -6.33 31.45 -15.86
N TYR A 293 -5.38 31.74 -14.96
CA TYR A 293 -5.53 32.78 -13.95
C TYR A 293 -5.67 34.16 -14.59
N MET A 294 -4.80 34.43 -15.57
CA MET A 294 -4.82 35.71 -16.28
C MET A 294 -6.10 35.90 -17.12
N ARG A 295 -6.47 34.85 -17.86
CA ARG A 295 -7.66 34.87 -18.71
C ARG A 295 -8.92 35.29 -17.97
N ARG A 296 -9.09 34.80 -16.73
CA ARG A 296 -10.24 35.14 -15.89
C ARG A 296 -10.30 36.62 -15.51
N ARG A 297 -9.14 37.30 -15.57
CA ARG A 297 -9.06 38.71 -15.20
C ARG A 297 -8.78 39.61 -16.41
N LYS A 298 -8.99 39.05 -17.60
CA LYS A 298 -8.80 39.78 -18.86
C LYS A 298 -9.63 39.12 -19.97
N PRO A 299 -10.95 39.13 -19.79
CA PRO A 299 -11.87 38.55 -20.79
C PRO A 299 -11.92 39.38 -22.07
N LYS B 5 3.38 16.31 25.59
CA LYS B 5 2.77 15.10 26.21
C LYS B 5 3.20 13.82 25.45
N PRO B 6 4.42 13.31 25.76
CA PRO B 6 5.08 12.25 24.99
C PRO B 6 4.72 10.82 25.41
N ILE B 7 4.75 9.91 24.45
CA ILE B 7 4.37 8.51 24.67
C ILE B 7 5.58 7.60 24.46
N ASN B 8 5.93 6.84 25.49
CA ASN B 8 7.03 5.89 25.42
C ASN B 8 6.73 4.76 24.45
N VAL B 9 7.70 4.45 23.58
CA VAL B 9 7.60 3.30 22.70
C VAL B 9 8.85 2.42 22.72
N ARG B 10 8.62 1.12 22.56
CA ARG B 10 9.71 0.17 22.45
C ARG B 10 9.57 -0.53 21.10
N VAL B 11 10.63 -0.47 20.30
CA VAL B 11 10.67 -1.19 19.03
C VAL B 11 11.78 -2.25 19.06
N THR B 12 11.41 -3.51 18.89
CA THR B 12 12.40 -4.59 18.79
C THR B 12 12.64 -4.97 17.34
N THR B 13 13.91 -5.02 16.97
CA THR B 13 14.34 -5.72 15.75
C THR B 13 14.67 -7.14 16.20
N MET B 14 15.09 -7.98 15.27
CA MET B 14 15.39 -9.37 15.62
C MET B 14 16.47 -9.54 16.70
N ASP B 15 17.34 -8.55 16.86
CA ASP B 15 18.42 -8.64 17.85
C ASP B 15 18.70 -7.36 18.66
N ALA B 16 17.78 -6.41 18.66
CA ALA B 16 17.99 -5.14 19.36
C ALA B 16 16.71 -4.54 19.94
N GLU B 17 16.86 -3.91 21.11
CA GLU B 17 15.76 -3.21 21.78
C GLU B 17 15.96 -1.71 21.65
N LEU B 18 15.00 -1.04 21.04
CA LEU B 18 15.08 0.41 20.83
C LEU B 18 13.97 1.13 21.58
N GLU B 19 14.35 2.19 22.29
CA GLU B 19 13.41 2.97 23.08
C GLU B 19 13.27 4.36 22.50
N PHE B 20 12.04 4.74 22.16
CA PHE B 20 11.76 6.08 21.66
C PHE B 20 10.57 6.72 22.38
N ALA B 21 10.31 7.98 22.05
CA ALA B 21 9.11 8.68 22.49
C ALA B 21 8.46 9.34 21.29
N ILE B 22 7.16 9.15 21.15
CA ILE B 22 6.41 9.74 20.05
C ILE B 22 5.41 10.75 20.61
N GLN B 23 4.98 11.69 19.78
CA GLN B 23 3.95 12.66 20.18
C GLN B 23 2.61 12.28 19.54
N PRO B 24 1.49 12.84 20.05
CA PRO B 24 0.17 12.57 19.48
C PRO B 24 0.10 12.72 17.96
N ASN B 25 0.97 13.57 17.41
CA ASN B 25 0.99 13.85 15.96
C ASN B 25 2.01 13.03 15.16
N THR B 26 2.81 12.21 15.84
CA THR B 26 3.78 11.34 15.16
C THR B 26 3.08 10.31 14.27
N THR B 27 3.51 10.24 13.01
CA THR B 27 2.96 9.29 12.06
C THR B 27 3.75 7.99 12.08
N GLY B 28 3.14 6.91 11.57
CA GLY B 28 3.83 5.65 11.39
C GLY B 28 5.10 5.82 10.59
N LYS B 29 5.02 6.63 9.52
CA LYS B 29 6.16 6.94 8.65
C LYS B 29 7.34 7.49 9.44
N GLN B 30 7.07 8.46 10.30
CA GLN B 30 8.10 9.12 11.11
C GLN B 30 8.76 8.17 12.10
N LEU B 31 7.96 7.29 12.70
CA LEU B 31 8.46 6.26 13.59
C LEU B 31 9.28 5.23 12.83
N PHE B 32 8.76 4.79 11.67
CA PHE B 32 9.46 3.83 10.82
C PHE B 32 10.81 4.38 10.38
N ASP B 33 10.81 5.63 9.90
CA ASP B 33 12.02 6.28 9.41
C ASP B 33 13.07 6.37 10.50
N GLN B 34 12.62 6.66 11.72
CA GLN B 34 13.51 6.69 12.89
C GLN B 34 14.18 5.34 13.14
N VAL B 35 13.39 4.27 13.14
CA VAL B 35 13.92 2.93 13.35
C VAL B 35 15.03 2.62 12.35
N VAL B 36 14.71 2.83 11.07
CA VAL B 36 15.62 2.64 9.95
C VAL B 36 16.92 3.45 10.10
N LYS B 37 16.75 4.70 10.55
CA LYS B 37 17.85 5.62 10.81
C LYS B 37 18.78 5.11 11.92
N THR B 38 18.18 4.62 13.00
CA THR B 38 18.92 4.10 14.16
C THR B 38 19.64 2.79 13.83
N VAL B 39 18.98 1.96 13.03
CA VAL B 39 19.51 0.66 12.64
C VAL B 39 20.56 0.76 11.51
N GLY B 40 20.51 1.83 10.71
CA GLY B 40 21.44 2.02 9.60
C GLY B 40 21.08 1.21 8.37
N LEU B 41 19.77 1.00 8.18
CA LEU B 41 19.24 0.16 7.12
C LEU B 41 18.84 1.03 5.94
N ARG B 42 19.22 0.63 4.73
CA ARG B 42 18.85 1.38 3.53
C ARG B 42 17.86 0.64 2.64
N GLU B 43 17.76 -0.68 2.80
CA GLU B 43 16.86 -1.48 1.98
C GLU B 43 15.47 -1.57 2.63
N VAL B 44 14.87 -0.39 2.82
CA VAL B 44 13.69 -0.18 3.67
C VAL B 44 12.39 -0.78 3.15
N TRP B 45 12.32 -1.04 1.85
CA TRP B 45 11.08 -1.45 1.19
C TRP B 45 10.52 -2.81 1.65
N PHE B 46 11.39 -3.68 2.16
CA PHE B 46 10.97 -4.99 2.62
C PHE B 46 10.25 -4.94 3.97
N PHE B 47 10.44 -3.85 4.70
CA PHE B 47 10.14 -3.83 6.14
C PHE B 47 8.90 -3.05 6.53
N GLY B 48 8.41 -3.36 7.72
CA GLY B 48 7.31 -2.64 8.33
C GLY B 48 7.36 -2.79 9.84
N LEU B 49 6.38 -2.21 10.52
CA LEU B 49 6.26 -2.34 11.96
C LEU B 49 4.98 -3.10 12.33
N GLN B 50 5.10 -3.98 13.32
CA GLN B 50 3.98 -4.76 13.81
C GLN B 50 3.59 -4.28 15.19
N TYR B 51 2.30 -4.38 15.48
CA TYR B 51 1.79 -4.09 16.81
C TYR B 51 0.57 -4.94 17.10
N VAL B 52 0.10 -4.89 18.34
CA VAL B 52 -1.13 -5.57 18.71
C VAL B 52 -2.15 -4.48 19.03
N ASP B 53 -3.32 -4.54 18.40
CA ASP B 53 -4.38 -3.58 18.72
C ASP B 53 -5.11 -3.98 20.01
N SER B 54 -5.98 -3.08 20.49
CA SER B 54 -6.72 -3.31 21.75
C SER B 54 -7.59 -4.56 21.74
N LYS B 55 -8.06 -4.95 20.55
CA LYS B 55 -8.85 -6.18 20.39
C LYS B 55 -7.97 -7.43 20.38
N GLY B 56 -6.66 -7.25 20.42
CA GLY B 56 -5.70 -8.36 20.50
C GLY B 56 -5.18 -8.91 19.17
N TYR B 57 -5.42 -8.18 18.08
CA TYR B 57 -5.04 -8.62 16.74
C TYR B 57 -3.71 -8.05 16.27
N SER B 58 -2.83 -8.94 15.81
CA SER B 58 -1.54 -8.57 15.25
C SER B 58 -1.76 -7.80 13.94
N THR B 59 -1.21 -6.59 13.86
CA THR B 59 -1.49 -5.68 12.76
C THR B 59 -0.24 -4.96 12.27
N TRP B 60 -0.16 -4.68 10.97
CA TRP B 60 0.89 -3.83 10.43
C TRP B 60 0.54 -2.36 10.59
N LEU B 61 1.48 -1.58 11.11
CA LEU B 61 1.28 -0.15 11.32
C LEU B 61 1.26 0.60 9.99
N LYS B 62 0.22 1.41 9.79
CA LYS B 62 0.12 2.27 8.61
C LYS B 62 1.04 3.47 8.78
N LEU B 63 1.82 3.75 7.74
CA LEU B 63 2.80 4.82 7.78
C LEU B 63 2.18 6.19 7.47
N ASN B 64 1.16 6.17 6.62
CA ASN B 64 0.44 7.38 6.19
C ASN B 64 -0.64 7.82 7.18
N LYS B 65 -0.40 7.57 8.47
CA LYS B 65 -1.42 7.78 9.50
C LYS B 65 -0.75 7.88 10.87
N LYS B 66 -1.34 8.68 11.75
CA LYS B 66 -0.80 8.92 13.09
C LYS B 66 -0.85 7.65 13.94
N VAL B 67 0.22 7.40 14.69
CA VAL B 67 0.33 6.20 15.52
C VAL B 67 -0.81 6.12 16.54
N THR B 68 -1.08 7.26 17.20
CA THR B 68 -2.15 7.37 18.18
C THR B 68 -3.55 7.14 17.59
N GLN B 69 -3.66 7.26 16.27
CA GLN B 69 -4.94 7.07 15.57
C GLN B 69 -5.13 5.65 15.00
N GLN B 70 -4.36 4.68 15.50
CA GLN B 70 -4.39 3.32 14.94
C GLN B 70 -4.75 2.24 15.96
N ASP B 71 -5.28 2.67 17.11
CA ASP B 71 -5.76 1.76 18.16
C ASP B 71 -4.70 0.73 18.57
N VAL B 72 -3.49 1.19 18.85
CA VAL B 72 -2.47 0.36 19.46
C VAL B 72 -2.88 0.08 20.91
N LYS B 73 -2.68 -1.16 21.36
CA LYS B 73 -2.96 -1.52 22.74
C LYS B 73 -2.31 -0.49 23.67
N LYS B 74 -3.13 0.15 24.50
CA LYS B 74 -2.66 1.14 25.46
C LYS B 74 -1.85 0.45 26.57
N GLU B 75 -0.55 0.70 26.57
CA GLU B 75 0.36 0.20 27.59
C GLU B 75 1.61 1.08 27.61
N ASN B 76 2.46 0.88 28.61
CA ASN B 76 3.65 1.69 28.80
C ASN B 76 4.90 0.80 28.94
N PRO B 77 5.73 0.74 27.89
CA PRO B 77 5.63 1.46 26.62
C PRO B 77 4.74 0.73 25.60
N LEU B 78 4.34 1.43 24.53
CA LEU B 78 3.71 0.78 23.39
C LEU B 78 4.72 -0.18 22.77
N GLN B 79 4.24 -1.33 22.31
CA GLN B 79 5.14 -2.38 21.80
C GLN B 79 5.06 -2.54 20.29
N PHE B 80 6.22 -2.42 19.64
CA PHE B 80 6.33 -2.59 18.20
C PHE B 80 7.40 -3.60 17.84
N LYS B 81 7.18 -4.35 16.78
CA LYS B 81 8.20 -5.25 16.24
C LYS B 81 8.58 -4.82 14.83
N PHE B 82 9.88 -4.60 14.62
CA PHE B 82 10.39 -4.28 13.30
C PHE B 82 10.70 -5.58 12.57
N ARG B 83 9.93 -5.86 11.52
CA ARG B 83 10.02 -7.13 10.80
C ARG B 83 9.91 -6.95 9.30
N ALA B 84 10.41 -7.94 8.55
CA ALA B 84 10.28 -7.96 7.10
C ALA B 84 8.88 -8.37 6.71
N LYS B 85 8.23 -7.54 5.89
CA LYS B 85 6.90 -7.83 5.38
C LYS B 85 7.00 -8.47 4.00
N PHE B 86 8.05 -8.13 3.26
CA PHE B 86 8.26 -8.62 1.91
C PHE B 86 9.60 -9.31 1.79
N PHE B 87 9.66 -10.34 0.94
CA PHE B 87 10.85 -11.14 0.76
C PHE B 87 11.35 -11.04 -0.67
N PRO B 88 12.69 -11.02 -0.87
CA PRO B 88 13.24 -10.93 -2.21
C PRO B 88 12.98 -12.20 -3.01
N GLU B 89 13.19 -12.10 -4.32
CA GLU B 89 13.17 -13.28 -5.18
C GLU B 89 14.50 -14.01 -5.06
N ASP B 90 15.59 -13.26 -4.85
CA ASP B 90 16.90 -13.84 -4.63
C ASP B 90 17.72 -13.03 -3.61
N VAL B 91 17.93 -13.63 -2.44
CA VAL B 91 18.70 -13.00 -1.37
C VAL B 91 20.11 -12.55 -1.79
N SER B 92 20.77 -13.36 -2.61
CA SER B 92 22.12 -13.06 -3.11
C SER B 92 22.14 -11.81 -3.98
N GLU B 93 21.04 -11.56 -4.68
CA GLU B 93 20.95 -10.44 -5.60
C GLU B 93 20.43 -9.17 -4.94
N GLU B 94 19.64 -9.33 -3.86
CA GLU B 94 18.84 -8.22 -3.35
C GLU B 94 19.15 -7.78 -1.91
N LEU B 95 19.79 -8.65 -1.14
CA LEU B 95 20.20 -8.29 0.23
C LEU B 95 21.68 -7.88 0.25
N ILE B 96 21.91 -6.58 0.10
CA ILE B 96 23.24 -6.01 -0.10
C ILE B 96 23.94 -5.70 1.22
N GLN B 97 23.26 -5.01 2.12
CA GLN B 97 23.84 -4.61 3.41
C GLN B 97 23.86 -5.79 4.37
N GLU B 98 24.89 -5.82 5.22
CA GLU B 98 25.05 -6.92 6.18
C GLU B 98 23.97 -6.88 7.26
N ILE B 99 23.49 -5.67 7.59
CA ILE B 99 22.40 -5.52 8.54
C ILE B 99 21.15 -6.17 7.99
N THR B 100 20.87 -5.92 6.71
CA THR B 100 19.69 -6.46 6.03
C THR B 100 19.76 -7.98 6.03
N GLN B 101 20.92 -8.52 5.67
CA GLN B 101 21.16 -9.95 5.63
C GLN B 101 20.97 -10.59 7.00
N ARG B 102 21.48 -9.92 8.04
CA ARG B 102 21.37 -10.43 9.42
C ARG B 102 19.93 -10.43 9.94
N LEU B 103 19.18 -9.36 9.66
CA LEU B 103 17.79 -9.28 10.09
C LEU B 103 16.92 -10.35 9.42
N PHE B 104 17.14 -10.56 8.12
CA PHE B 104 16.46 -11.61 7.38
C PHE B 104 16.84 -13.01 7.89
N PHE B 105 18.14 -13.22 8.11
CA PHE B 105 18.64 -14.48 8.65
C PHE B 105 17.90 -14.86 9.93
N LEU B 106 17.85 -13.93 10.88
CA LEU B 106 17.26 -14.20 12.19
C LEU B 106 15.75 -14.43 12.16
N GLN B 107 15.03 -13.62 11.38
CA GLN B 107 13.56 -13.74 11.27
C GLN B 107 13.18 -15.08 10.65
N VAL B 108 13.85 -15.42 9.54
CA VAL B 108 13.62 -16.69 8.85
C VAL B 108 13.94 -17.87 9.78
N LYS B 109 15.10 -17.84 10.42
CA LYS B 109 15.49 -18.91 11.36
C LYS B 109 14.45 -19.12 12.47
N GLU B 110 13.94 -18.02 13.02
CA GLU B 110 12.92 -18.08 14.06
C GLU B 110 11.66 -18.77 13.55
N ALA B 111 11.22 -18.40 12.35
CA ALA B 111 10.07 -19.02 11.71
C ALA B 111 10.24 -20.52 11.48
N ILE B 112 11.45 -20.90 11.04
CA ILE B 112 11.77 -22.31 10.78
C ILE B 112 11.78 -23.09 12.09
N LEU B 113 12.42 -22.54 13.11
CA LEU B 113 12.48 -23.13 14.45
C LEU B 113 11.12 -23.12 15.17
N ASN B 114 10.23 -22.23 14.76
CA ASN B 114 8.85 -22.20 15.30
C ASN B 114 7.86 -23.09 14.54
N ASP B 115 8.35 -23.81 13.53
CA ASP B 115 7.53 -24.70 12.70
C ASP B 115 6.53 -23.93 11.83
N GLU B 116 6.75 -22.63 11.66
CA GLU B 116 5.92 -21.80 10.78
C GLU B 116 6.23 -22.06 9.31
N ILE B 117 7.53 -22.14 9.00
CA ILE B 117 8.00 -22.53 7.69
C ILE B 117 8.43 -23.99 7.78
N TYR B 118 7.78 -24.86 7.03
CA TYR B 118 8.11 -26.28 7.07
C TYR B 118 9.52 -26.53 6.58
N CYS B 119 10.25 -27.38 7.31
CA CYS B 119 11.60 -27.76 6.92
C CYS B 119 11.90 -29.22 7.21
N PRO B 120 12.28 -29.97 6.17
CA PRO B 120 12.67 -31.38 6.27
C PRO B 120 13.90 -31.59 7.16
N PRO B 121 14.04 -32.77 7.79
CA PRO B 121 15.07 -33.05 8.81
C PRO B 121 16.51 -32.79 8.38
N GLU B 122 16.92 -33.36 7.24
CA GLU B 122 18.30 -33.23 6.78
C GLU B 122 18.67 -31.79 6.46
N THR B 123 17.76 -31.08 5.82
CA THR B 123 17.91 -29.65 5.57
C THR B 123 17.95 -28.89 6.90
N ALA B 124 17.09 -29.27 7.84
CA ALA B 124 17.05 -28.64 9.16
C ALA B 124 18.40 -28.75 9.87
N VAL B 125 19.01 -29.92 9.76
CA VAL B 125 20.32 -30.21 10.34
C VAL B 125 21.41 -29.34 9.69
N LEU B 126 21.42 -29.29 8.35
CA LEU B 126 22.36 -28.46 7.61
C LEU B 126 22.22 -26.96 7.91
N LEU B 127 20.97 -26.48 7.94
CA LEU B 127 20.68 -25.08 8.31
C LEU B 127 21.23 -24.74 9.69
N ALA B 128 20.97 -25.62 10.65
CA ALA B 128 21.46 -25.47 12.02
C ALA B 128 22.98 -25.29 12.06
N SER B 129 23.69 -26.04 11.22
CA SER B 129 25.16 -25.99 11.21
C SER B 129 25.69 -24.66 10.72
N TYR B 130 24.98 -24.02 9.79
CA TYR B 130 25.33 -22.65 9.38
C TYR B 130 25.01 -21.64 10.48
N ALA B 131 23.89 -21.83 11.16
CA ALA B 131 23.54 -21.01 12.33
C ALA B 131 24.62 -21.14 13.41
N VAL B 132 25.09 -22.37 13.63
CA VAL B 132 26.17 -22.65 14.57
C VAL B 132 27.48 -21.99 14.11
N GLN B 133 27.84 -22.20 12.85
CA GLN B 133 29.03 -21.56 12.27
C GLN B 133 29.01 -20.03 12.42
N ALA B 134 27.88 -19.41 12.12
CA ALA B 134 27.69 -17.97 12.30
C ALA B 134 27.94 -17.53 13.74
N LYS B 135 27.40 -18.30 14.69
CA LYS B 135 27.48 -17.94 16.11
C LYS B 135 28.83 -18.27 16.74
N TYR B 136 29.29 -19.51 16.58
CA TYR B 136 30.47 -20.00 17.28
C TYR B 136 31.79 -19.72 16.57
N GLY B 137 31.74 -19.51 15.26
CA GLY B 137 32.96 -19.48 14.45
C GLY B 137 33.39 -20.91 14.15
N ASP B 138 34.63 -21.07 13.70
CA ASP B 138 35.16 -22.39 13.34
C ASP B 138 35.10 -23.40 14.48
N TYR B 139 34.88 -24.66 14.13
CA TYR B 139 34.93 -25.75 15.09
C TYR B 139 36.33 -25.88 15.68
N ASN B 140 36.37 -26.03 17.01
CA ASN B 140 37.59 -26.05 17.79
C ASN B 140 37.47 -27.17 18.82
N LYS B 141 38.28 -28.21 18.63
CA LYS B 141 38.19 -29.46 19.41
C LYS B 141 38.34 -29.23 20.91
N GLU B 142 39.12 -28.22 21.29
CA GLU B 142 39.40 -27.93 22.69
C GLU B 142 38.27 -27.17 23.38
N ILE B 143 37.59 -26.30 22.64
CA ILE B 143 36.49 -25.50 23.18
C ILE B 143 35.16 -26.23 23.02
N HIS B 144 34.88 -26.70 21.80
CA HIS B 144 33.58 -27.26 21.45
C HIS B 144 33.50 -28.76 21.77
N LYS B 145 33.54 -29.07 23.07
CA LYS B 145 33.43 -30.44 23.55
C LYS B 145 31.98 -30.90 23.41
N PRO B 146 31.77 -32.22 23.19
CA PRO B 146 30.43 -32.80 23.20
C PRO B 146 29.57 -32.20 24.30
N GLY B 147 28.41 -31.67 23.92
CA GLY B 147 27.55 -30.94 24.84
C GLY B 147 27.60 -29.42 24.65
N TYR B 148 28.47 -28.95 23.77
CA TYR B 148 28.61 -27.50 23.54
C TYR B 148 27.38 -26.82 22.93
N LEU B 149 26.51 -27.61 22.30
CA LEU B 149 25.29 -27.08 21.70
C LEU B 149 24.05 -27.32 22.56
N ALA B 150 24.26 -27.60 23.84
CA ALA B 150 23.17 -27.95 24.75
C ALA B 150 22.21 -26.80 25.02
N ASN B 151 22.72 -25.57 24.94
CA ASN B 151 21.97 -24.36 25.25
C ASN B 151 21.61 -23.53 24.01
N ASP B 152 21.56 -24.20 22.85
CA ASP B 152 21.10 -23.56 21.62
C ASP B 152 19.79 -24.21 21.16
N ARG B 153 18.85 -23.38 20.75
CA ARG B 153 17.63 -23.85 20.09
C ARG B 153 17.97 -24.05 18.61
N LEU B 154 18.08 -25.31 18.18
CA LEU B 154 18.72 -25.65 16.91
C LEU B 154 17.81 -26.20 15.80
N LEU B 155 16.82 -27.00 16.20
CA LEU B 155 15.97 -27.69 15.24
C LEU B 155 14.48 -27.43 15.47
N PRO B 156 13.67 -27.47 14.39
CA PRO B 156 12.22 -27.41 14.54
C PRO B 156 11.70 -28.51 15.46
N GLN B 157 10.67 -28.18 16.23
CA GLN B 157 10.05 -29.13 17.14
C GLN B 157 9.48 -30.35 16.40
N ARG B 158 8.96 -30.11 15.19
CA ARG B 158 8.40 -31.15 14.34
C ARG B 158 9.43 -32.24 14.02
N VAL B 159 10.69 -31.84 13.82
CA VAL B 159 11.79 -32.76 13.56
C VAL B 159 12.11 -33.60 14.80
N LEU B 160 12.14 -32.92 15.96
CA LEU B 160 12.45 -33.55 17.24
C LEU B 160 11.37 -34.56 17.70
N GLU B 161 10.12 -34.30 17.32
CA GLU B 161 9.01 -35.20 17.65
C GLU B 161 9.01 -36.46 16.79
N GLN B 162 9.20 -36.29 15.48
CA GLN B 162 8.99 -37.36 14.49
C GLN B 162 10.18 -38.32 14.33
N HIS B 163 11.14 -38.26 15.25
CA HIS B 163 12.31 -39.13 15.19
C HIS B 163 12.62 -39.77 16.54
N LYS B 164 13.50 -40.77 16.52
CA LYS B 164 13.84 -41.56 17.70
C LYS B 164 15.10 -41.02 18.37
N LEU B 165 15.87 -40.22 17.64
CA LEU B 165 17.17 -39.73 18.09
C LEU B 165 17.11 -38.90 19.37
N THR B 166 18.17 -38.99 20.19
CA THR B 166 18.26 -38.22 21.41
C THR B 166 18.80 -36.82 21.15
N LYS B 167 18.67 -35.94 22.15
CA LYS B 167 19.19 -34.58 22.09
C LYS B 167 20.67 -34.54 21.69
N GLU B 168 21.48 -35.38 22.33
CA GLU B 168 22.92 -35.44 22.07
C GLU B 168 23.29 -36.06 20.73
N GLN B 169 22.42 -36.91 20.18
CA GLN B 169 22.65 -37.50 18.87
C GLN B 169 22.39 -36.48 17.76
N TRP B 170 21.35 -35.67 17.93
CA TRP B 170 21.10 -34.51 17.08
C TRP B 170 22.25 -33.52 17.13
N GLU B 171 22.83 -33.37 18.31
CA GLU B 171 23.99 -32.51 18.51
C GLU B 171 25.19 -32.96 17.68
N GLU B 172 25.46 -34.27 17.65
CA GLU B 172 26.58 -34.80 16.86
C GLU B 172 26.35 -34.63 15.37
N ARG B 173 25.11 -34.88 14.92
CA ARG B 173 24.73 -34.67 13.52
C ARG B 173 25.00 -33.23 13.08
N ILE B 174 24.66 -32.27 13.95
CA ILE B 174 24.89 -30.86 13.66
C ILE B 174 26.39 -30.50 13.76
N GLN B 175 27.04 -30.99 14.81
CA GLN B 175 28.49 -30.85 14.96
C GLN B 175 29.26 -31.36 13.72
N ASN B 176 28.86 -32.53 13.21
CA ASN B 176 29.55 -33.12 12.05
C ASN B 176 29.56 -32.19 10.83
N TRP B 177 28.45 -31.48 10.61
CA TRP B 177 28.35 -30.48 9.56
C TRP B 177 29.18 -29.24 9.88
N HIS B 178 29.09 -28.79 11.14
CA HIS B 178 29.83 -27.62 11.62
C HIS B 178 31.34 -27.74 11.34
N GLU B 179 31.92 -28.90 11.65
CA GLU B 179 33.35 -29.16 11.37
C GLU B 179 33.71 -28.90 9.91
N GLU B 180 32.78 -29.18 9.00
CA GLU B 180 33.04 -29.07 7.56
C GLU B 180 32.93 -27.63 7.00
N HIS B 181 32.45 -26.70 7.83
CA HIS B 181 32.31 -25.29 7.42
C HIS B 181 33.50 -24.41 7.79
N ARG B 182 34.58 -25.05 8.25
CA ARG B 182 35.87 -24.42 8.58
C ARG B 182 36.05 -22.91 8.36
N GLY B 183 36.45 -22.49 7.17
CA GLY B 183 36.83 -21.08 6.97
C GLY B 183 35.73 -20.07 6.67
N MET B 184 34.47 -20.42 6.96
CA MET B 184 33.35 -19.59 6.57
C MET B 184 33.14 -18.43 7.54
N LEU B 185 33.13 -17.21 6.99
CA LEU B 185 32.85 -16.00 7.76
C LEU B 185 31.38 -15.96 8.19
N ARG B 186 31.09 -15.16 9.21
CA ARG B 186 29.72 -15.02 9.73
C ARG B 186 28.71 -14.66 8.63
N GLU B 187 29.07 -13.66 7.83
CA GLU B 187 28.20 -13.14 6.78
C GLU B 187 27.97 -14.15 5.65
N ASP B 188 28.94 -15.04 5.44
CA ASP B 188 28.78 -16.12 4.46
C ASP B 188 27.83 -17.21 4.98
N SER B 189 27.98 -17.56 6.26
CA SER B 189 27.14 -18.58 6.89
C SER B 189 25.68 -18.19 6.82
N MET B 190 25.40 -16.93 7.18
CA MET B 190 24.05 -16.39 7.12
C MET B 190 23.46 -16.41 5.70
N MET B 191 24.27 -16.04 4.71
CA MET B 191 23.83 -16.06 3.32
C MET B 191 23.59 -17.49 2.81
N GLU B 192 24.49 -18.42 3.16
CA GLU B 192 24.27 -19.82 2.83
C GLU B 192 22.98 -20.34 3.44
N TYR B 193 22.76 -19.98 4.71
CA TYR B 193 21.52 -20.29 5.41
C TYR B 193 20.31 -19.77 4.61
N LEU B 194 20.39 -18.54 4.16
CA LEU B 194 19.27 -17.92 3.44
C LEU B 194 19.02 -18.51 2.06
N LYS B 195 20.08 -18.82 1.33
CA LYS B 195 19.97 -19.43 -0.01
C LYS B 195 19.29 -20.80 0.03
N ILE B 196 19.52 -21.57 1.10
CA ILE B 196 18.83 -22.84 1.29
C ILE B 196 17.37 -22.61 1.72
N ALA B 197 17.17 -21.69 2.66
CA ALA B 197 15.85 -21.40 3.20
C ALA B 197 14.87 -20.84 2.16
N GLN B 198 15.35 -19.94 1.30
CA GLN B 198 14.49 -19.36 0.25
C GLN B 198 13.92 -20.39 -0.72
N ASP B 199 14.56 -21.56 -0.82
CA ASP B 199 14.09 -22.64 -1.69
C ASP B 199 13.03 -23.54 -1.08
N LEU B 200 12.77 -23.39 0.22
CA LEU B 200 11.68 -24.11 0.88
C LEU B 200 10.33 -23.61 0.38
N GLU B 201 9.40 -24.54 0.17
CA GLU B 201 8.11 -24.25 -0.44
C GLU B 201 7.29 -23.18 0.28
N MET B 202 7.37 -23.16 1.62
CA MET B 202 6.59 -22.25 2.45
C MET B 202 7.28 -20.89 2.72
N TYR B 203 8.53 -20.78 2.29
CA TYR B 203 9.30 -19.54 2.47
C TYR B 203 8.66 -18.39 1.69
N GLY B 204 8.48 -17.27 2.37
CA GLY B 204 8.00 -16.04 1.74
C GLY B 204 6.57 -16.06 1.25
N VAL B 205 5.77 -17.02 1.71
CA VAL B 205 4.37 -17.06 1.30
C VAL B 205 3.42 -16.79 2.46
N ASN B 206 2.47 -15.89 2.23
CA ASN B 206 1.42 -15.59 3.19
C ASN B 206 0.20 -16.43 2.88
N TYR B 207 -0.22 -17.25 3.85
CA TYR B 207 -1.34 -18.16 3.67
C TYR B 207 -2.64 -17.61 4.25
N PHE B 208 -3.71 -17.69 3.47
CA PHE B 208 -5.02 -17.23 3.92
C PHE B 208 -6.09 -18.26 3.63
N GLU B 209 -6.93 -18.52 4.63
CA GLU B 209 -8.06 -19.44 4.48
C GLU B 209 -9.07 -18.85 3.51
N ILE B 210 -9.39 -19.60 2.45
CA ILE B 210 -10.34 -19.17 1.43
C ILE B 210 -11.35 -20.27 1.06
N LYS B 211 -12.34 -19.91 0.25
CA LYS B 211 -13.35 -20.86 -0.21
C LYS B 211 -13.66 -20.66 -1.69
N ASN B 212 -13.91 -21.76 -2.41
CA ASN B 212 -14.36 -21.68 -3.80
C ASN B 212 -15.88 -21.51 -3.87
N LYS B 213 -16.39 -21.23 -5.07
CA LYS B 213 -17.83 -20.97 -5.30
C LYS B 213 -18.74 -21.92 -4.52
N LYS B 214 -18.40 -23.21 -4.53
CA LYS B 214 -19.11 -24.25 -3.78
C LYS B 214 -19.00 -24.05 -2.27
N GLY B 215 -17.77 -24.08 -1.75
CA GLY B 215 -17.53 -23.92 -0.32
C GLY B 215 -16.41 -24.79 0.25
N THR B 216 -15.58 -25.35 -0.62
CA THR B 216 -14.42 -26.14 -0.20
C THR B 216 -13.33 -25.22 0.36
N GLU B 217 -12.78 -25.59 1.51
CA GLU B 217 -11.72 -24.84 2.16
C GLU B 217 -10.38 -25.01 1.43
N LEU B 218 -9.84 -23.90 0.92
CA LEU B 218 -8.52 -23.88 0.32
C LEU B 218 -7.62 -22.86 1.00
N TRP B 219 -6.37 -22.77 0.56
CA TRP B 219 -5.48 -21.70 0.99
C TRP B 219 -5.15 -20.80 -0.19
N LEU B 220 -5.10 -19.50 0.08
CA LEU B 220 -4.52 -18.54 -0.84
C LEU B 220 -3.10 -18.27 -0.36
N GLY B 221 -2.15 -18.34 -1.29
CA GLY B 221 -0.77 -18.01 -0.99
C GLY B 221 -0.32 -16.78 -1.75
N VAL B 222 0.15 -15.77 -1.02
CA VAL B 222 0.68 -14.55 -1.63
C VAL B 222 2.19 -14.49 -1.43
N ASP B 223 2.94 -14.44 -2.53
CA ASP B 223 4.39 -14.34 -2.46
C ASP B 223 4.99 -13.42 -3.53
N ALA B 224 6.32 -13.34 -3.53
CA ALA B 224 7.07 -12.44 -4.40
C ALA B 224 6.90 -12.72 -5.89
N LEU B 225 6.54 -13.95 -6.24
CA LEU B 225 6.36 -14.37 -7.63
C LEU B 225 4.92 -14.30 -8.13
N GLY B 226 3.97 -14.43 -7.21
CA GLY B 226 2.56 -14.35 -7.58
C GLY B 226 1.61 -14.95 -6.57
N LEU B 227 0.49 -15.47 -7.07
CA LEU B 227 -0.53 -16.05 -6.21
C LEU B 227 -0.65 -17.54 -6.43
N ASN B 228 -0.99 -18.27 -5.38
CA ASN B 228 -1.17 -19.70 -5.47
C ASN B 228 -2.38 -20.22 -4.68
N ILE B 229 -3.01 -21.25 -5.22
CA ILE B 229 -4.10 -21.95 -4.55
C ILE B 229 -3.60 -23.31 -4.11
N TYR B 230 -3.79 -23.61 -2.83
CA TYR B 230 -3.41 -24.90 -2.26
C TYR B 230 -4.66 -25.59 -1.74
N GLU B 231 -4.69 -26.92 -1.84
CA GLU B 231 -5.69 -27.70 -1.14
C GLU B 231 -5.41 -27.59 0.35
N HIS B 232 -6.46 -27.68 1.17
CA HIS B 232 -6.36 -27.39 2.60
C HIS B 232 -5.31 -28.23 3.35
N ASP B 233 -5.13 -29.48 2.93
CA ASP B 233 -4.23 -30.40 3.60
C ASP B 233 -2.75 -30.23 3.23
N ASP B 234 -2.48 -29.65 2.06
CA ASP B 234 -1.11 -29.53 1.57
C ASP B 234 -0.70 -28.08 1.25
N LYS B 235 0.04 -27.47 2.16
CA LYS B 235 0.53 -26.11 1.98
C LYS B 235 1.79 -26.05 1.11
N LEU B 236 2.30 -27.22 0.73
CA LEU B 236 3.57 -27.32 0.00
C LEU B 236 3.39 -27.42 -1.52
N THR B 237 2.25 -27.90 -1.97
CA THR B 237 2.01 -28.11 -3.41
C THR B 237 0.88 -27.25 -3.97
N PRO B 238 1.23 -26.19 -4.72
CA PRO B 238 0.21 -25.33 -5.33
C PRO B 238 -0.49 -26.04 -6.48
N LYS B 239 -1.81 -26.04 -6.44
CA LYS B 239 -2.60 -26.64 -7.51
C LYS B 239 -2.84 -25.67 -8.66
N ILE B 240 -2.99 -24.38 -8.33
CA ILE B 240 -3.18 -23.34 -9.34
C ILE B 240 -2.28 -22.14 -9.02
N GLY B 241 -1.64 -21.60 -10.06
CA GLY B 241 -0.74 -20.46 -9.90
C GLY B 241 -1.09 -19.27 -10.77
N PHE B 242 -0.80 -18.07 -10.26
CA PHE B 242 -1.00 -16.83 -10.99
C PHE B 242 0.25 -15.96 -10.84
N PRO B 243 1.19 -16.06 -11.79
CA PRO B 243 2.36 -15.16 -11.79
C PRO B 243 1.97 -13.69 -11.92
N TRP B 244 2.69 -12.81 -11.24
CA TRP B 244 2.36 -11.37 -11.23
C TRP B 244 2.30 -10.77 -12.63
N SER B 245 3.09 -11.32 -13.54
CA SER B 245 3.13 -10.86 -14.93
C SER B 245 1.84 -11.14 -15.70
N GLU B 246 0.96 -11.95 -15.12
CA GLU B 246 -0.32 -12.28 -15.73
C GLU B 246 -1.48 -11.54 -15.09
N ILE B 247 -1.23 -10.89 -13.96
CA ILE B 247 -2.28 -10.22 -13.18
C ILE B 247 -2.36 -8.74 -13.51
N ARG B 248 -3.57 -8.28 -13.86
CA ARG B 248 -3.82 -6.88 -14.18
C ARG B 248 -4.29 -6.08 -12.96
N ASN B 249 -5.27 -6.62 -12.25
CA ASN B 249 -5.85 -5.95 -11.10
C ASN B 249 -6.42 -6.94 -10.08
N ILE B 250 -6.28 -6.60 -8.80
CA ILE B 250 -6.88 -7.37 -7.71
C ILE B 250 -7.67 -6.42 -6.82
N SER B 251 -8.90 -6.81 -6.48
CA SER B 251 -9.77 -6.04 -5.61
C SER B 251 -10.75 -6.97 -4.92
N PHE B 252 -11.41 -6.47 -3.87
CA PHE B 252 -12.45 -7.24 -3.19
C PHE B 252 -13.62 -6.37 -2.75
N ASN B 253 -14.81 -6.98 -2.77
CA ASN B 253 -16.00 -6.38 -2.16
C ASN B 253 -16.61 -7.35 -1.16
N ASP B 254 -16.75 -6.88 0.08
CA ASP B 254 -17.26 -7.69 1.19
C ASP B 254 -16.41 -8.96 1.37
N LYS B 255 -16.84 -10.08 0.79
CA LYS B 255 -16.14 -11.34 0.94
C LYS B 255 -15.80 -11.99 -0.40
N LYS B 256 -15.77 -11.19 -1.46
CA LYS B 256 -15.51 -11.70 -2.80
C LYS B 256 -14.33 -10.99 -3.45
N PHE B 257 -13.27 -11.74 -3.71
CA PHE B 257 -12.09 -11.23 -4.40
C PHE B 257 -12.19 -11.48 -5.91
N VAL B 258 -11.77 -10.51 -6.70
CA VAL B 258 -11.74 -10.66 -8.16
C VAL B 258 -10.35 -10.33 -8.70
N ILE B 259 -9.78 -11.26 -9.46
CA ILE B 259 -8.49 -11.07 -10.12
C ILE B 259 -8.71 -10.90 -11.62
N LYS B 260 -8.27 -9.76 -12.15
CA LYS B 260 -8.37 -9.47 -13.58
C LYS B 260 -7.08 -9.88 -14.30
N PRO B 261 -7.20 -10.65 -15.40
CA PRO B 261 -6.00 -11.06 -16.14
C PRO B 261 -5.49 -9.98 -17.09
N ILE B 262 -4.22 -10.09 -17.50
CA ILE B 262 -3.63 -9.21 -18.49
C ILE B 262 -4.24 -9.50 -19.87
N ASP B 263 -4.45 -10.78 -20.15
CA ASP B 263 -4.93 -11.27 -21.45
C ASP B 263 -6.12 -10.50 -22.02
N LYS B 264 -7.04 -10.09 -21.15
CA LYS B 264 -8.25 -9.34 -21.55
C LYS B 264 -9.31 -10.20 -22.25
N LYS B 265 -8.84 -11.17 -23.05
CA LYS B 265 -9.72 -12.16 -23.69
C LYS B 265 -9.89 -13.42 -22.82
N ALA B 266 -9.47 -13.34 -21.57
CA ALA B 266 -9.55 -14.45 -20.63
C ALA B 266 -10.46 -14.11 -19.45
N PRO B 267 -11.11 -15.13 -18.85
CA PRO B 267 -12.07 -14.88 -17.78
C PRO B 267 -11.42 -14.44 -16.47
N ASP B 268 -12.18 -13.69 -15.66
CA ASP B 268 -11.76 -13.32 -14.32
C ASP B 268 -11.76 -14.53 -13.39
N PHE B 269 -10.94 -14.46 -12.35
CA PHE B 269 -10.91 -15.47 -11.31
C PHE B 269 -11.46 -14.87 -10.02
N VAL B 270 -12.45 -15.52 -9.42
CA VAL B 270 -12.99 -15.06 -8.14
C VAL B 270 -12.85 -16.11 -7.04
N PHE B 271 -12.50 -15.66 -5.84
CA PHE B 271 -12.49 -16.49 -4.66
C PHE B 271 -13.11 -15.74 -3.48
N TYR B 272 -13.35 -16.44 -2.38
CA TYR B 272 -14.11 -15.89 -1.27
C TYR B 272 -13.35 -15.94 0.06
N ALA B 273 -13.23 -14.80 0.71
CA ALA B 273 -12.46 -14.69 1.95
C ALA B 273 -13.28 -14.08 3.10
N PRO B 274 -13.37 -14.80 4.24
CA PRO B 274 -14.25 -14.50 5.38
C PRO B 274 -14.18 -13.07 5.93
N ARG B 275 -13.03 -12.66 6.45
CA ARG B 275 -12.93 -11.47 7.30
C ARG B 275 -12.33 -10.23 6.63
N LEU B 276 -12.98 -9.09 6.83
CA LEU B 276 -12.57 -7.79 6.26
C LEU B 276 -11.17 -7.38 6.70
N ARG B 277 -10.88 -7.53 7.98
CA ARG B 277 -9.55 -7.27 8.57
C ARG B 277 -8.45 -8.01 7.79
N ILE B 278 -8.70 -9.28 7.51
CA ILE B 278 -7.75 -10.13 6.80
C ILE B 278 -7.69 -9.78 5.31
N ASN B 279 -8.84 -9.45 4.74
CA ASN B 279 -8.93 -9.06 3.34
C ASN B 279 -8.17 -7.76 3.00
N LYS B 280 -8.05 -6.88 3.99
CA LYS B 280 -7.26 -5.65 3.84
C LYS B 280 -5.78 -5.96 3.76
N ARG B 281 -5.32 -6.87 4.63
CA ARG B 281 -3.93 -7.33 4.61
C ARG B 281 -3.59 -8.07 3.31
N ILE B 282 -4.49 -8.98 2.91
CA ILE B 282 -4.35 -9.68 1.62
C ILE B 282 -4.13 -8.69 0.48
N LEU B 283 -4.99 -7.68 0.43
CA LEU B 283 -4.92 -6.63 -0.59
C LEU B 283 -3.58 -5.88 -0.55
N ALA B 284 -3.10 -5.58 0.65
CA ALA B 284 -1.82 -4.86 0.82
C ALA B 284 -0.62 -5.68 0.34
N LEU B 285 -0.59 -6.96 0.70
CA LEU B 285 0.50 -7.86 0.32
C LEU B 285 0.55 -8.10 -1.18
N CYS B 286 -0.62 -8.13 -1.82
CA CYS B 286 -0.72 -8.26 -3.28
C CYS B 286 -0.15 -7.04 -4.00
N MET B 287 -0.53 -5.85 -3.52
CA MET B 287 -0.04 -4.58 -4.08
C MET B 287 1.48 -4.45 -3.92
N GLY B 288 1.97 -4.74 -2.71
CA GLY B 288 3.39 -4.64 -2.40
C GLY B 288 4.25 -5.60 -3.18
N ASN B 289 3.83 -6.87 -3.21
CA ASN B 289 4.58 -7.89 -3.95
C ASN B 289 4.60 -7.63 -5.46
N HIS B 290 3.47 -7.23 -6.00
CA HIS B 290 3.34 -6.90 -7.43
C HIS B 290 4.23 -5.71 -7.82
N GLU B 291 4.22 -4.68 -6.98
CA GLU B 291 5.05 -3.48 -7.19
C GLU B 291 6.55 -3.82 -7.23
N LEU B 292 7.00 -4.60 -6.26
CA LEU B 292 8.41 -5.02 -6.20
C LEU B 292 8.78 -5.97 -7.33
N TYR B 293 7.80 -6.77 -7.78
CA TYR B 293 7.99 -7.68 -8.92
C TYR B 293 8.29 -6.91 -10.20
N MET B 294 7.61 -5.79 -10.40
CA MET B 294 7.81 -4.98 -11.61
C MET B 294 9.12 -4.20 -11.56
N ARG B 295 9.52 -3.78 -10.36
CA ARG B 295 10.73 -3.00 -10.17
C ARG B 295 12.01 -3.78 -10.48
N ARG B 296 12.00 -5.08 -10.23
CA ARG B 296 13.15 -5.94 -10.52
C ARG B 296 13.36 -6.11 -12.02
N ARG B 297 12.25 -6.15 -12.75
CA ARG B 297 12.29 -6.32 -14.21
C ARG B 297 12.44 -5.01 -14.98
N LYS B 298 12.35 -3.89 -14.27
CA LYS B 298 12.67 -2.58 -14.84
C LYS B 298 14.16 -2.29 -14.68
N PRO B 299 14.61 -1.17 -15.25
CA PRO B 299 16.02 -0.75 -15.17
C PRO B 299 16.44 -0.49 -13.73
N ASP B 300 17.55 -1.10 -13.33
CA ASP B 300 18.08 -1.00 -11.96
C ASP B 300 18.40 0.44 -11.57
N THR B 301 17.47 1.08 -10.85
CA THR B 301 17.55 2.50 -10.54
C THR B 301 18.26 2.78 -9.21
N LYS C 5 28.10 -32.86 33.27
CA LYS C 5 27.87 -32.19 31.95
C LYS C 5 26.37 -32.08 31.65
N PRO C 6 25.95 -31.00 30.93
CA PRO C 6 26.60 -29.72 30.64
C PRO C 6 25.96 -28.59 31.47
N ILE C 7 26.61 -27.42 31.52
CA ILE C 7 26.08 -26.30 32.32
C ILE C 7 25.77 -25.07 31.47
N ASN C 8 24.55 -24.56 31.63
CA ASN C 8 24.12 -23.36 30.90
C ASN C 8 24.78 -22.09 31.42
N VAL C 9 25.31 -21.31 30.49
CA VAL C 9 25.96 -20.04 30.81
C VAL C 9 25.33 -18.92 29.99
N ARG C 10 25.32 -17.71 30.55
CA ARG C 10 24.87 -16.53 29.85
C ARG C 10 25.90 -15.42 30.03
N VAL C 11 26.41 -14.91 28.92
CA VAL C 11 27.33 -13.79 28.92
C VAL C 11 26.65 -12.61 28.25
N THR C 12 26.61 -11.46 28.93
CA THR C 12 26.10 -10.25 28.30
C THR C 12 27.22 -9.26 28.03
N THR C 13 27.31 -8.81 26.80
CA THR C 13 28.12 -7.65 26.46
C THR C 13 27.24 -6.44 26.71
N MET C 14 27.73 -5.25 26.38
CA MET C 14 26.98 -4.01 26.55
C MET C 14 25.71 -3.93 25.68
N ASP C 15 25.68 -4.66 24.57
CA ASP C 15 24.52 -4.61 23.67
C ASP C 15 24.03 -5.96 23.13
N ALA C 16 24.53 -7.06 23.69
CA ALA C 16 24.15 -8.40 23.23
C ALA C 16 24.13 -9.44 24.35
N GLU C 17 23.19 -10.37 24.26
CA GLU C 17 23.06 -11.50 25.18
C GLU C 17 23.50 -12.79 24.49
N LEU C 18 24.53 -13.42 25.04
CA LEU C 18 25.08 -14.64 24.44
C LEU C 18 24.80 -15.86 25.33
N GLU C 19 24.37 -16.95 24.70
CA GLU C 19 24.10 -18.19 25.41
C GLU C 19 25.00 -19.33 24.93
N PHE C 20 25.69 -19.94 25.89
CA PHE C 20 26.60 -21.05 25.61
C PHE C 20 26.38 -22.20 26.59
N ALA C 21 27.13 -23.28 26.41
CA ALA C 21 27.15 -24.39 27.36
C ALA C 21 28.59 -24.80 27.62
N ILE C 22 28.93 -24.95 28.89
CA ILE C 22 30.29 -25.32 29.30
C ILE C 22 30.34 -26.69 29.98
N GLN C 23 31.54 -27.26 30.02
CA GLN C 23 31.81 -28.52 30.71
C GLN C 23 32.43 -28.21 32.08
N PRO C 24 32.38 -29.17 33.02
CA PRO C 24 33.10 -29.02 34.30
C PRO C 24 34.59 -28.71 34.14
N ASN C 25 35.18 -29.13 33.03
CA ASN C 25 36.59 -28.88 32.72
C ASN C 25 36.88 -27.58 31.96
N THR C 26 35.84 -26.93 31.44
CA THR C 26 35.99 -25.69 30.68
C THR C 26 36.69 -24.64 31.52
N THR C 27 37.81 -24.13 31.01
CA THR C 27 38.56 -23.08 31.67
C THR C 27 37.94 -21.70 31.42
N GLY C 28 38.39 -20.70 32.17
CA GLY C 28 37.93 -19.32 31.98
C GLY C 28 38.38 -18.77 30.65
N LYS C 29 39.57 -19.16 30.21
CA LYS C 29 40.13 -18.74 28.92
C LYS C 29 39.25 -19.21 27.76
N GLN C 30 38.86 -20.49 27.79
CA GLN C 30 38.04 -21.08 26.74
C GLN C 30 36.70 -20.35 26.57
N LEU C 31 36.05 -20.06 27.68
CA LEU C 31 34.80 -19.30 27.66
C LEU C 31 35.05 -17.89 27.10
N PHE C 32 36.11 -17.24 27.57
CA PHE C 32 36.50 -15.91 27.10
C PHE C 32 36.79 -15.87 25.60
N ASP C 33 37.48 -16.89 25.10
CA ASP C 33 37.87 -16.97 23.69
C ASP C 33 36.64 -17.12 22.79
N GLN C 34 35.69 -17.93 23.26
CA GLN C 34 34.42 -18.14 22.57
C GLN C 34 33.63 -16.84 22.43
N VAL C 35 33.44 -16.14 23.55
CA VAL C 35 32.78 -14.84 23.59
C VAL C 35 33.40 -13.92 22.54
N VAL C 36 34.73 -13.84 22.58
CA VAL C 36 35.52 -13.02 21.67
C VAL C 36 35.36 -13.44 20.19
N LYS C 37 35.26 -14.75 19.95
CA LYS C 37 35.02 -15.26 18.60
C LYS C 37 33.64 -14.86 18.08
N THR C 38 32.61 -15.17 18.87
CA THR C 38 31.22 -14.79 18.58
C THR C 38 31.05 -13.29 18.30
N VAL C 39 31.68 -12.46 19.12
CA VAL C 39 31.58 -11.00 18.99
C VAL C 39 32.41 -10.46 17.81
N GLY C 40 33.48 -11.18 17.46
CA GLY C 40 34.37 -10.77 16.37
C GLY C 40 35.38 -9.72 16.80
N LEU C 41 35.72 -9.74 18.09
CA LEU C 41 36.61 -8.77 18.68
C LEU C 41 38.04 -9.33 18.65
N ARG C 42 38.98 -8.46 18.28
CA ARG C 42 40.40 -8.86 18.21
C ARG C 42 41.25 -8.18 19.28
N GLU C 43 40.83 -7.01 19.73
CA GLU C 43 41.55 -6.24 20.76
C GLU C 43 41.20 -6.75 22.15
N VAL C 44 41.64 -7.98 22.42
CA VAL C 44 41.19 -8.79 23.56
C VAL C 44 41.74 -8.34 24.91
N TRP C 45 42.90 -7.69 24.90
CA TRP C 45 43.65 -7.37 26.11
C TRP C 45 42.98 -6.39 27.06
N PHE C 46 42.00 -5.63 26.57
CA PHE C 46 41.27 -4.70 27.42
C PHE C 46 40.20 -5.38 28.28
N PHE C 47 39.77 -6.56 27.87
CA PHE C 47 38.53 -7.16 28.39
C PHE C 47 38.70 -8.34 29.34
N GLY C 48 37.64 -8.60 30.10
CA GLY C 48 37.57 -9.76 30.96
C GLY C 48 36.12 -10.17 31.18
N LEU C 49 35.92 -11.20 31.99
CA LEU C 49 34.58 -11.63 32.37
C LEU C 49 34.37 -11.39 33.85
N GLN C 50 33.25 -10.76 34.19
CA GLN C 50 32.89 -10.58 35.58
C GLN C 50 31.69 -11.45 35.94
N TYR C 51 31.63 -11.85 37.22
CA TYR C 51 30.55 -12.67 37.75
C TYR C 51 30.27 -12.29 39.21
N VAL C 52 29.19 -12.83 39.75
CA VAL C 52 28.83 -12.63 41.14
C VAL C 52 29.09 -13.95 41.89
N ASP C 53 29.91 -13.91 42.94
CA ASP C 53 30.20 -15.14 43.71
C ASP C 53 29.04 -15.53 44.64
N SER C 54 29.16 -16.70 45.26
CA SER C 54 28.11 -17.20 46.16
C SER C 54 27.87 -16.29 47.36
N LYS C 55 28.81 -15.38 47.62
CA LYS C 55 28.69 -14.41 48.70
C LYS C 55 28.16 -13.05 48.24
N GLY C 56 27.86 -12.93 46.95
CA GLY C 56 27.28 -11.72 46.39
C GLY C 56 28.27 -10.66 45.93
N TYR C 57 29.56 -11.03 45.86
CA TYR C 57 30.61 -10.12 45.42
C TYR C 57 30.91 -10.27 43.93
N SER C 58 30.90 -9.15 43.22
CA SER C 58 31.30 -9.14 41.82
C SER C 58 32.81 -9.39 41.71
N THR C 59 33.17 -10.31 40.81
CA THR C 59 34.55 -10.78 40.69
C THR C 59 34.93 -10.94 39.22
N TRP C 60 36.19 -10.64 38.90
CA TRP C 60 36.73 -10.96 37.59
C TRP C 60 37.06 -12.44 37.54
N LEU C 61 36.67 -13.08 36.46
CA LEU C 61 36.91 -14.51 36.27
C LEU C 61 38.36 -14.76 35.90
N LYS C 62 38.96 -15.77 36.53
CA LYS C 62 40.34 -16.13 36.24
C LYS C 62 40.39 -17.05 35.03
N LEU C 63 41.31 -16.76 34.11
CA LEU C 63 41.39 -17.48 32.86
C LEU C 63 42.08 -18.84 32.98
N ASN C 64 43.10 -18.91 33.84
CA ASN C 64 43.89 -20.13 34.00
C ASN C 64 43.23 -21.21 34.86
N LYS C 65 42.15 -20.85 35.53
CA LYS C 65 41.36 -21.80 36.33
C LYS C 65 40.03 -22.13 35.65
N LYS C 66 39.52 -23.33 35.87
CA LYS C 66 38.21 -23.71 35.33
C LYS C 66 37.05 -23.00 36.03
N VAL C 67 36.01 -22.70 35.25
CA VAL C 67 34.87 -21.91 35.70
C VAL C 67 34.17 -22.49 36.95
N THR C 68 34.04 -23.83 36.99
CA THR C 68 33.35 -24.53 38.08
C THR C 68 34.09 -24.50 39.42
N GLN C 69 35.39 -24.26 39.37
CA GLN C 69 36.22 -24.20 40.57
C GLN C 69 36.54 -22.75 40.97
N GLN C 70 35.56 -21.87 40.80
CA GLN C 70 35.75 -20.44 41.07
C GLN C 70 34.60 -19.80 41.88
N ASP C 71 33.65 -20.63 42.32
CA ASP C 71 32.56 -20.22 43.21
C ASP C 71 31.64 -19.15 42.60
N VAL C 72 30.95 -19.54 41.53
CA VAL C 72 30.02 -18.65 40.84
C VAL C 72 28.61 -18.88 41.37
N LYS C 73 27.87 -17.81 41.59
CA LYS C 73 26.49 -17.90 42.05
C LYS C 73 25.79 -19.06 41.33
N LYS C 74 25.43 -20.08 42.10
CA LYS C 74 24.74 -21.26 41.56
C LYS C 74 23.36 -20.84 41.08
N GLU C 75 23.12 -21.04 39.79
CA GLU C 75 21.89 -20.62 39.12
C GLU C 75 21.87 -21.16 37.69
N ASN C 76 20.69 -21.14 37.09
CA ASN C 76 20.50 -21.64 35.74
C ASN C 76 19.83 -20.58 34.89
N PRO C 77 20.59 -19.95 33.97
CA PRO C 77 22.00 -20.20 33.69
C PRO C 77 22.95 -19.39 34.57
N LEU C 78 24.22 -19.77 34.59
CA LEU C 78 25.25 -18.96 35.25
C LEU C 78 25.35 -17.63 34.52
N GLN C 79 25.55 -16.55 35.29
CA GLN C 79 25.55 -15.20 34.72
C GLN C 79 26.93 -14.56 34.70
N PHE C 80 27.34 -14.08 33.52
CA PHE C 80 28.59 -13.36 33.34
C PHE C 80 28.37 -12.05 32.60
N LYS C 81 29.24 -11.07 32.86
CA LYS C 81 29.27 -9.83 32.09
C LYS C 81 30.61 -9.67 31.39
N PHE C 82 30.57 -9.48 30.07
CA PHE C 82 31.77 -9.19 29.29
C PHE C 82 32.01 -7.67 29.31
N ARG C 83 33.09 -7.27 29.97
CA ARG C 83 33.40 -5.86 30.19
C ARG C 83 34.88 -5.58 30.04
N ALA C 84 35.22 -4.30 29.87
CA ALA C 84 36.60 -3.86 29.82
C ALA C 84 37.18 -3.69 31.22
N LYS C 85 38.27 -4.40 31.50
CA LYS C 85 39.01 -4.26 32.73
C LYS C 85 40.04 -3.14 32.62
N PHE C 86 40.60 -2.98 31.42
CA PHE C 86 41.66 -2.00 31.17
C PHE C 86 41.26 -0.97 30.13
N PHE C 87 41.73 0.25 30.33
CA PHE C 87 41.43 1.37 29.46
C PHE C 87 42.71 1.88 28.82
N PRO C 88 42.65 2.27 27.53
CA PRO C 88 43.85 2.69 26.82
C PRO C 88 44.26 4.12 27.18
N GLU C 89 45.46 4.50 26.78
CA GLU C 89 45.94 5.88 26.97
C GLU C 89 45.25 6.83 26.00
N ASP C 90 45.07 6.39 24.75
CA ASP C 90 44.37 7.19 23.74
C ASP C 90 43.41 6.33 22.93
N VAL C 91 42.14 6.71 22.97
CA VAL C 91 41.09 6.01 22.22
C VAL C 91 41.29 6.07 20.71
N SER C 92 41.80 7.21 20.24
CA SER C 92 42.02 7.44 18.81
C SER C 92 43.08 6.50 18.25
N GLU C 93 44.19 6.32 18.99
CA GLU C 93 45.29 5.49 18.52
C GLU C 93 45.08 3.99 18.75
N GLU C 94 44.33 3.64 19.80
CA GLU C 94 44.31 2.24 20.27
C GLU C 94 43.02 1.44 20.04
N LEU C 95 41.90 2.14 19.81
CA LEU C 95 40.66 1.44 19.54
C LEU C 95 40.40 1.40 18.03
N ILE C 96 40.95 0.36 17.38
CA ILE C 96 40.91 0.22 15.92
C ILE C 96 39.54 -0.24 15.40
N GLN C 97 39.07 -1.37 15.91
CA GLN C 97 37.81 -1.97 15.46
C GLN C 97 36.60 -1.18 15.94
N GLU C 98 35.56 -1.14 15.09
CA GLU C 98 34.30 -0.47 15.41
C GLU C 98 33.56 -1.15 16.57
N ILE C 99 33.62 -2.48 16.61
CA ILE C 99 33.05 -3.26 17.71
C ILE C 99 33.66 -2.86 19.07
N THR C 100 34.99 -2.71 19.09
CA THR C 100 35.72 -2.33 20.30
C THR C 100 35.31 -0.94 20.76
N GLN C 101 35.24 -0.01 19.80
CA GLN C 101 34.85 1.37 20.04
C GLN C 101 33.44 1.45 20.62
N ARG C 102 32.53 0.68 20.04
CA ARG C 102 31.14 0.64 20.49
C ARG C 102 31.02 0.16 21.94
N LEU C 103 31.71 -0.93 22.25
CA LEU C 103 31.63 -1.54 23.59
C LEU C 103 32.20 -0.62 24.66
N PHE C 104 33.27 0.09 24.33
CA PHE C 104 33.82 1.11 25.22
C PHE C 104 32.85 2.28 25.39
N PHE C 105 32.35 2.80 24.27
CA PHE C 105 31.37 3.88 24.29
C PHE C 105 30.19 3.57 25.20
N LEU C 106 29.65 2.37 25.06
CA LEU C 106 28.50 1.97 25.87
C LEU C 106 28.85 1.81 27.35
N GLN C 107 30.00 1.17 27.63
CA GLN C 107 30.46 0.96 29.01
C GLN C 107 30.80 2.27 29.71
N VAL C 108 31.48 3.17 29.01
CA VAL C 108 31.78 4.49 29.56
C VAL C 108 30.50 5.30 29.77
N LYS C 109 29.66 5.40 28.75
CA LYS C 109 28.40 6.15 28.86
C LYS C 109 27.60 5.71 30.10
N GLU C 110 27.49 4.40 30.30
CA GLU C 110 26.75 3.85 31.44
C GLU C 110 27.40 4.26 32.77
N ALA C 111 28.73 4.17 32.83
CA ALA C 111 29.49 4.58 34.02
C ALA C 111 29.31 6.07 34.37
N ILE C 112 29.08 6.90 33.35
CA ILE C 112 28.86 8.33 33.55
C ILE C 112 27.41 8.59 33.95
N LEU C 113 26.49 7.85 33.35
CA LEU C 113 25.07 7.95 33.68
C LEU C 113 24.75 7.43 35.09
N ASN C 114 25.52 6.44 35.56
CA ASN C 114 25.38 5.90 36.92
C ASN C 114 26.20 6.64 37.98
N ASP C 115 26.80 7.76 37.59
CA ASP C 115 27.60 8.61 38.49
C ASP C 115 28.90 7.95 39.01
N GLU C 116 29.34 6.88 38.37
CA GLU C 116 30.62 6.24 38.72
C GLU C 116 31.77 7.16 38.32
N ILE C 117 31.69 7.74 37.13
CA ILE C 117 32.65 8.72 36.65
C ILE C 117 32.02 10.11 36.77
N TYR C 118 32.64 11.00 37.54
CA TYR C 118 32.11 12.35 37.68
C TYR C 118 32.18 13.12 36.37
N CYS C 119 31.12 13.88 36.10
CA CYS C 119 31.02 14.70 34.92
C CYS C 119 30.22 15.97 35.23
N PRO C 120 30.83 17.14 34.99
CA PRO C 120 30.16 18.43 35.17
C PRO C 120 29.02 18.61 34.15
N PRO C 121 28.05 19.50 34.44
CA PRO C 121 26.81 19.65 33.67
C PRO C 121 26.99 19.90 32.17
N GLU C 122 27.67 21.00 31.81
CA GLU C 122 27.82 21.39 30.40
C GLU C 122 28.49 20.29 29.56
N THR C 123 29.54 19.69 30.11
CA THR C 123 30.22 18.55 29.49
C THR C 123 29.27 17.35 29.37
N ALA C 124 28.43 17.16 30.38
CA ALA C 124 27.48 16.05 30.37
C ALA C 124 26.43 16.25 29.28
N VAL C 125 25.96 17.49 29.12
CA VAL C 125 25.01 17.85 28.07
C VAL C 125 25.60 17.62 26.68
N LEU C 126 26.81 18.13 26.45
CA LEU C 126 27.52 17.89 25.19
C LEU C 126 27.70 16.39 24.93
N LEU C 127 28.11 15.63 25.95
CA LEU C 127 28.25 14.18 25.83
C LEU C 127 26.95 13.52 25.44
N ALA C 128 25.87 13.89 26.13
CA ALA C 128 24.53 13.42 25.81
C ALA C 128 24.16 13.68 24.35
N SER C 129 24.57 14.83 23.81
CA SER C 129 24.23 15.20 22.44
C SER C 129 24.94 14.31 21.42
N TYR C 130 26.17 13.88 21.73
CA TYR C 130 26.85 12.90 20.90
C TYR C 130 26.18 11.52 20.96
N ALA C 131 25.74 11.13 22.17
CA ALA C 131 24.95 9.92 22.34
C ALA C 131 23.67 9.97 21.49
N VAL C 132 23.01 11.13 21.46
CA VAL C 132 21.80 11.31 20.68
C VAL C 132 22.10 11.21 19.18
N GLN C 133 23.17 11.86 18.74
CA GLN C 133 23.60 11.78 17.34
C GLN C 133 23.89 10.34 16.92
N ALA C 134 24.56 9.58 17.78
CA ALA C 134 24.90 8.18 17.50
C ALA C 134 23.65 7.29 17.39
N LYS C 135 22.65 7.58 18.21
CA LYS C 135 21.43 6.77 18.26
C LYS C 135 20.36 7.22 17.26
N TYR C 136 20.13 8.53 17.17
CA TYR C 136 19.02 9.09 16.38
C TYR C 136 19.40 9.48 14.96
N GLY C 137 20.69 9.67 14.72
CA GLY C 137 21.15 10.20 13.44
C GLY C 137 20.98 11.71 13.39
N ASP C 138 21.01 12.27 12.19
CA ASP C 138 20.85 13.71 11.97
C ASP C 138 19.54 14.22 12.53
N TYR C 139 19.59 15.39 13.16
CA TYR C 139 18.39 16.05 13.64
C TYR C 139 17.43 16.28 12.48
N ASN C 140 16.17 15.94 12.70
CA ASN C 140 15.11 16.05 11.71
C ASN C 140 13.90 16.64 12.42
N LYS C 141 13.57 17.88 12.06
CA LYS C 141 12.51 18.65 12.73
C LYS C 141 11.14 17.96 12.67
N GLU C 142 10.90 17.23 11.59
CA GLU C 142 9.64 16.52 11.40
C GLU C 142 9.52 15.31 12.33
N ILE C 143 10.59 14.51 12.43
CA ILE C 143 10.59 13.31 13.24
C ILE C 143 10.80 13.64 14.72
N HIS C 144 11.81 14.47 14.98
CA HIS C 144 12.17 14.85 16.35
C HIS C 144 11.39 16.06 16.84
N LYS C 145 10.09 15.85 17.05
CA LYS C 145 9.21 16.86 17.63
C LYS C 145 9.57 17.04 19.10
N PRO C 146 9.37 18.27 19.65
CA PRO C 146 9.58 18.51 21.08
C PRO C 146 9.05 17.35 21.95
N GLY C 147 9.91 16.81 22.80
CA GLY C 147 9.57 15.64 23.60
C GLY C 147 10.17 14.33 23.10
N TYR C 148 10.94 14.40 22.01
CA TYR C 148 11.52 13.19 21.40
C TYR C 148 12.56 12.50 22.25
N LEU C 149 13.06 13.19 23.27
CA LEU C 149 14.10 12.65 24.15
C LEU C 149 13.56 12.22 25.51
N ALA C 150 12.23 12.18 25.63
CA ALA C 150 11.58 11.91 26.92
C ALA C 150 11.75 10.47 27.42
N ASN C 151 12.01 9.54 26.51
CA ASN C 151 12.21 8.14 26.88
C ASN C 151 13.69 7.76 26.82
N ASP C 152 14.57 8.76 26.91
CA ASP C 152 16.02 8.52 26.90
C ASP C 152 16.63 8.85 28.24
N ARG C 153 17.60 8.04 28.65
CA ARG C 153 18.41 8.34 29.81
C ARG C 153 19.62 9.13 29.31
N LEU C 154 19.66 10.41 29.60
CA LEU C 154 20.60 11.32 28.95
C LEU C 154 21.71 11.88 29.84
N LEU C 155 21.38 12.17 31.09
CA LEU C 155 22.32 12.84 32.00
C LEU C 155 22.48 12.07 33.31
N PRO C 156 23.67 12.17 33.93
CA PRO C 156 23.84 11.69 35.31
C PRO C 156 22.81 12.32 36.27
N GLN C 157 22.31 11.50 37.19
CA GLN C 157 21.30 11.92 38.18
C GLN C 157 21.74 13.13 39.00
N ARG C 158 23.05 13.20 39.28
CA ARG C 158 23.62 14.35 39.98
C ARG C 158 23.32 15.66 39.27
N VAL C 159 23.55 15.70 37.95
CA VAL C 159 23.28 16.88 37.14
C VAL C 159 21.80 17.29 37.22
N LEU C 160 20.90 16.31 37.19
CA LEU C 160 19.47 16.56 37.33
C LEU C 160 19.08 17.13 38.70
N GLU C 161 19.76 16.68 39.75
CA GLU C 161 19.40 17.04 41.12
C GLU C 161 20.02 18.36 41.57
N GLN C 162 21.27 18.59 41.19
CA GLN C 162 22.04 19.74 41.66
C GLN C 162 21.79 21.03 40.85
N HIS C 163 20.77 21.03 40.00
CA HIS C 163 20.49 22.20 39.18
C HIS C 163 19.01 22.59 39.15
N LYS C 164 18.72 23.69 38.46
CA LYS C 164 17.39 24.30 38.50
C LYS C 164 16.54 24.05 37.25
N LEU C 165 17.09 23.31 36.28
CA LEU C 165 16.35 23.01 35.06
C LEU C 165 15.41 21.83 35.27
N THR C 166 14.27 21.87 34.59
CA THR C 166 13.34 20.76 34.55
C THR C 166 13.82 19.71 33.54
N LYS C 167 13.16 18.55 33.51
CA LYS C 167 13.49 17.50 32.55
C LYS C 167 13.40 18.00 31.11
N GLU C 168 12.33 18.75 30.80
CA GLU C 168 12.08 19.28 29.46
C GLU C 168 13.13 20.32 29.06
N GLN C 169 13.58 21.11 30.03
CA GLN C 169 14.61 22.13 29.79
C GLN C 169 15.98 21.54 29.47
N TRP C 170 16.31 20.42 30.12
CA TRP C 170 17.54 19.70 29.83
C TRP C 170 17.50 19.06 28.43
N GLU C 171 16.33 18.57 28.05
CA GLU C 171 16.12 17.94 26.73
C GLU C 171 16.24 18.97 25.61
N GLU C 172 15.74 20.17 25.86
CA GLU C 172 15.91 21.28 24.93
C GLU C 172 17.38 21.67 24.78
N ARG C 173 18.11 21.69 25.90
CA ARG C 173 19.53 21.97 25.89
C ARG C 173 20.31 20.94 25.06
N ILE C 174 19.99 19.67 25.24
CA ILE C 174 20.62 18.59 24.47
C ILE C 174 20.26 18.68 22.99
N GLN C 175 18.98 18.93 22.71
CA GLN C 175 18.49 19.10 21.34
C GLN C 175 19.25 20.21 20.60
N ASN C 176 19.53 21.30 21.30
CA ASN C 176 20.23 22.46 20.72
C ASN C 176 21.63 22.09 20.20
N TRP C 177 22.33 21.26 20.95
CA TRP C 177 23.62 20.72 20.55
C TRP C 177 23.45 19.70 19.42
N HIS C 178 22.48 18.79 19.59
CA HIS C 178 22.15 17.77 18.58
C HIS C 178 21.99 18.35 17.17
N GLU C 179 21.31 19.49 17.06
CA GLU C 179 21.11 20.18 15.78
C GLU C 179 22.42 20.54 15.11
N GLU C 180 23.45 20.79 15.91
CA GLU C 180 24.73 21.27 15.41
C GLU C 180 25.71 20.15 15.02
N HIS C 181 25.30 18.90 15.21
CA HIS C 181 26.12 17.76 14.84
C HIS C 181 25.75 17.14 13.49
N ARG C 182 24.81 17.79 12.80
CA ARG C 182 24.42 17.47 11.40
C ARG C 182 24.96 16.16 10.83
N GLY C 183 25.95 16.25 9.94
CA GLY C 183 26.37 15.10 9.15
C GLY C 183 27.35 14.11 9.79
N MET C 184 27.45 14.13 11.12
CA MET C 184 28.36 13.25 11.85
C MET C 184 27.85 11.81 11.87
N LEU C 185 28.69 10.88 11.42
CA LEU C 185 28.33 9.46 11.40
C LEU C 185 28.41 8.83 12.79
N ARG C 186 27.71 7.70 12.97
CA ARG C 186 27.59 7.02 14.26
C ARG C 186 28.95 6.74 14.92
N GLU C 187 29.87 6.19 14.13
CA GLU C 187 31.22 5.86 14.60
C GLU C 187 32.00 7.11 15.04
N ASP C 188 31.77 8.23 14.34
CA ASP C 188 32.43 9.49 14.66
C ASP C 188 31.90 10.07 15.96
N SER C 189 30.59 9.93 16.18
CA SER C 189 29.92 10.45 17.35
C SER C 189 30.36 9.71 18.61
N MET C 190 30.54 8.40 18.50
CA MET C 190 30.98 7.58 19.61
C MET C 190 32.42 7.93 20.00
N MET C 191 33.27 8.12 18.99
CA MET C 191 34.66 8.52 19.21
C MET C 191 34.79 9.91 19.82
N GLU C 192 33.96 10.85 19.36
CA GLU C 192 33.90 12.19 19.98
C GLU C 192 33.54 12.12 21.46
N TYR C 193 32.53 11.30 21.78
CA TYR C 193 32.11 11.05 23.16
C TYR C 193 33.30 10.56 23.99
N LEU C 194 33.99 9.54 23.50
CA LEU C 194 35.12 8.95 24.22
C LEU C 194 36.31 9.91 24.37
N LYS C 195 36.58 10.72 23.34
CA LYS C 195 37.65 11.71 23.39
C LYS C 195 37.39 12.78 24.45
N ILE C 196 36.12 13.14 24.64
CA ILE C 196 35.73 14.04 25.72
C ILE C 196 35.79 13.33 27.07
N ALA C 197 35.30 12.09 27.10
CA ALA C 197 35.19 11.32 28.34
C ALA C 197 36.54 10.90 28.91
N GLN C 198 37.51 10.61 28.03
CA GLN C 198 38.81 10.12 28.47
C GLN C 198 39.63 11.16 29.26
N ASP C 199 39.27 12.43 29.09
CA ASP C 199 39.99 13.51 29.76
C ASP C 199 39.37 13.89 31.10
N LEU C 200 38.28 13.21 31.45
CA LEU C 200 37.67 13.35 32.78
C LEU C 200 38.57 12.74 33.83
N GLU C 201 38.62 13.38 35.00
CA GLU C 201 39.53 13.00 36.08
C GLU C 201 39.32 11.57 36.59
N MET C 202 38.06 11.15 36.70
CA MET C 202 37.73 9.81 37.20
C MET C 202 37.73 8.70 36.12
N TYR C 203 37.96 9.08 34.86
CA TYR C 203 37.95 8.12 33.76
C TYR C 203 39.11 7.15 33.86
N GLY C 204 38.80 5.86 33.74
CA GLY C 204 39.82 4.82 33.70
C GLY C 204 40.61 4.57 34.97
N VAL C 205 40.16 5.16 36.08
CA VAL C 205 40.82 4.94 37.37
C VAL C 205 40.00 4.10 38.35
N ASN C 206 40.62 3.02 38.84
CA ASN C 206 40.01 2.17 39.85
C ASN C 206 40.34 2.68 41.24
N TYR C 207 39.30 3.06 42.00
CA TYR C 207 39.49 3.61 43.35
C TYR C 207 39.44 2.54 44.44
N PHE C 208 40.37 2.63 45.39
CA PHE C 208 40.49 1.67 46.48
C PHE C 208 40.72 2.36 47.82
N GLU C 209 40.05 1.86 48.85
CA GLU C 209 40.17 2.39 50.23
C GLU C 209 41.56 2.12 50.78
N ILE C 210 42.26 3.17 51.18
CA ILE C 210 43.67 3.04 51.52
C ILE C 210 44.04 3.80 52.80
N LYS C 211 45.09 3.34 53.49
CA LYS C 211 45.55 3.98 54.74
C LYS C 211 47.05 4.22 54.77
N ASN C 212 47.45 5.30 55.43
CA ASN C 212 48.85 5.55 55.78
C ASN C 212 49.15 5.03 57.17
N LYS C 213 50.26 5.45 57.76
CA LYS C 213 50.65 5.03 59.11
C LYS C 213 49.70 5.57 60.17
N LYS C 214 49.45 6.88 60.14
CA LYS C 214 48.56 7.55 61.08
C LYS C 214 47.12 7.04 61.04
N GLY C 215 46.80 6.23 60.02
CA GLY C 215 45.47 5.65 59.86
C GLY C 215 44.50 6.60 59.18
N THR C 216 45.02 7.49 58.36
CA THR C 216 44.21 8.42 57.60
C THR C 216 43.56 7.69 56.44
N GLU C 217 42.28 7.97 56.19
CA GLU C 217 41.58 7.37 55.07
C GLU C 217 41.91 8.08 53.76
N LEU C 218 42.69 7.40 52.92
CA LEU C 218 43.02 7.92 51.59
C LEU C 218 42.50 6.99 50.50
N TRP C 219 42.49 7.46 49.26
CA TRP C 219 42.13 6.65 48.11
C TRP C 219 43.36 6.23 47.32
N LEU C 220 43.36 4.99 46.84
CA LEU C 220 44.34 4.54 45.88
C LEU C 220 43.69 4.48 44.49
N GLY C 221 44.31 5.15 43.53
CA GLY C 221 43.86 5.12 42.15
C GLY C 221 44.83 4.35 41.27
N VAL C 222 44.32 3.35 40.55
CA VAL C 222 45.11 2.62 39.56
C VAL C 222 44.54 2.94 38.18
N ASP C 223 45.41 3.39 37.27
CA ASP C 223 45.00 3.66 35.89
C ASP C 223 46.08 3.27 34.88
N ALA C 224 45.89 3.66 33.63
CA ALA C 224 46.80 3.33 32.54
C ALA C 224 48.18 3.99 32.66
N LEU C 225 48.22 5.17 33.27
CA LEU C 225 49.46 5.96 33.35
C LEU C 225 50.33 5.64 34.56
N GLY C 226 49.69 5.28 35.67
CA GLY C 226 50.39 4.92 36.90
C GLY C 226 49.48 4.83 38.12
N LEU C 227 50.07 4.99 39.30
CA LEU C 227 49.31 4.97 40.55
C LEU C 227 49.17 6.37 41.12
N ASN C 228 48.06 6.60 41.80
CA ASN C 228 47.80 7.89 42.42
C ASN C 228 47.21 7.77 43.82
N ILE C 229 47.46 8.78 44.65
CA ILE C 229 46.91 8.85 45.99
C ILE C 229 46.06 10.11 46.13
N TYR C 230 44.85 9.94 46.64
CA TYR C 230 43.91 11.04 46.81
C TYR C 230 43.57 11.22 48.27
N GLU C 231 43.20 12.45 48.65
CA GLU C 231 42.56 12.69 49.94
C GLU C 231 41.14 12.17 49.86
N HIS C 232 40.67 11.54 50.93
CA HIS C 232 39.34 10.90 50.98
C HIS C 232 38.22 11.77 50.38
N ASP C 233 38.33 13.08 50.61
CA ASP C 233 37.31 14.04 50.21
C ASP C 233 37.35 14.40 48.71
N ASP C 234 38.51 14.27 48.08
CA ASP C 234 38.66 14.66 46.68
C ASP C 234 39.19 13.54 45.78
N LYS C 235 38.27 12.91 45.07
CA LYS C 235 38.60 11.85 44.10
C LYS C 235 39.13 12.41 42.78
N LEU C 236 39.08 13.74 42.63
CA LEU C 236 39.47 14.41 41.38
C LEU C 236 40.94 14.83 41.31
N THR C 237 41.52 15.20 42.44
CA THR C 237 42.88 15.73 42.45
C THR C 237 43.90 14.79 43.09
N PRO C 238 44.80 14.22 42.27
CA PRO C 238 45.88 13.38 42.80
C PRO C 238 46.90 14.22 43.56
N LYS C 239 47.14 13.88 44.82
CA LYS C 239 48.13 14.59 45.63
C LYS C 239 49.53 14.01 45.45
N ILE C 240 49.61 12.70 45.24
CA ILE C 240 50.88 12.03 44.95
C ILE C 240 50.69 11.12 43.74
N GLY C 241 51.71 11.06 42.88
CA GLY C 241 51.66 10.23 41.67
C GLY C 241 52.85 9.31 41.46
N PHE C 242 52.57 8.09 41.01
CA PHE C 242 53.59 7.10 40.71
C PHE C 242 53.44 6.58 39.28
N PRO C 243 54.10 7.23 38.31
CA PRO C 243 54.09 6.77 36.92
C PRO C 243 54.67 5.38 36.76
N TRP C 244 54.11 4.59 35.84
CA TRP C 244 54.53 3.20 35.64
C TRP C 244 56.01 3.04 35.31
N SER C 245 56.56 4.04 34.61
CA SER C 245 57.98 4.06 34.24
C SER C 245 58.91 4.09 35.46
N GLU C 246 58.39 4.53 36.60
CA GLU C 246 59.18 4.66 37.82
C GLU C 246 59.02 3.47 38.77
N ILE C 247 58.35 2.41 38.31
CA ILE C 247 58.06 1.26 39.16
C ILE C 247 58.74 -0.02 38.66
N ARG C 248 59.46 -0.68 39.57
CA ARG C 248 60.15 -1.93 39.30
C ARG C 248 59.30 -3.13 39.72
N ASN C 249 58.57 -2.98 40.82
CA ASN C 249 57.79 -4.06 41.39
C ASN C 249 56.67 -3.57 42.29
N ILE C 250 55.55 -4.29 42.28
CA ILE C 250 54.46 -4.08 43.24
C ILE C 250 54.07 -5.42 43.85
N SER C 251 54.07 -5.47 45.19
CA SER C 251 53.70 -6.68 45.92
C SER C 251 52.89 -6.32 47.14
N PHE C 252 52.17 -7.30 47.68
CA PHE C 252 51.47 -7.12 48.95
C PHE C 252 51.59 -8.34 49.84
N ASN C 253 51.51 -8.11 51.14
CA ASN C 253 51.42 -9.16 52.14
C ASN C 253 50.47 -8.72 53.25
N ASP C 254 49.44 -9.54 53.48
CA ASP C 254 48.32 -9.18 54.35
C ASP C 254 47.68 -7.86 53.94
N LYS C 255 47.88 -6.83 54.76
CA LYS C 255 47.27 -5.53 54.54
C LYS C 255 48.31 -4.47 54.16
N LYS C 256 49.46 -4.93 53.67
CA LYS C 256 50.58 -4.04 53.38
C LYS C 256 51.07 -4.18 51.94
N PHE C 257 51.01 -3.08 51.20
CA PHE C 257 51.53 -3.02 49.84
C PHE C 257 52.90 -2.36 49.80
N VAL C 258 53.80 -2.91 48.98
CA VAL C 258 55.15 -2.39 48.82
C VAL C 258 55.41 -2.05 47.34
N ILE C 259 55.74 -0.80 47.08
CA ILE C 259 56.06 -0.36 45.72
C ILE C 259 57.56 -0.10 45.56
N LYS C 260 58.23 -1.01 44.85
CA LYS C 260 59.65 -0.91 44.59
C LYS C 260 59.91 -0.02 43.36
N PRO C 261 60.75 1.02 43.53
CA PRO C 261 61.10 1.91 42.42
C PRO C 261 62.19 1.33 41.51
N ILE C 262 62.33 1.90 40.32
CA ILE C 262 63.42 1.56 39.41
C ILE C 262 64.75 2.10 39.97
N ASP C 263 64.68 3.30 40.57
CA ASP C 263 65.87 4.03 41.03
C ASP C 263 66.82 3.26 41.94
N LYS C 264 66.25 2.38 42.79
CA LYS C 264 67.02 1.56 43.75
C LYS C 264 67.73 2.34 44.87
N LYS C 265 68.15 3.56 44.56
CA LYS C 265 68.65 4.50 45.55
C LYS C 265 67.49 5.17 46.27
N ALA C 266 66.30 5.09 45.66
CA ALA C 266 65.08 5.66 46.22
C ALA C 266 64.48 4.72 47.27
N PRO C 267 63.76 5.29 48.26
CA PRO C 267 63.10 4.44 49.26
C PRO C 267 61.82 3.81 48.73
N ASP C 268 61.48 2.63 49.23
CA ASP C 268 60.22 1.96 48.87
C ASP C 268 59.00 2.72 49.37
N PHE C 269 57.87 2.53 48.69
CA PHE C 269 56.62 3.12 49.13
C PHE C 269 55.68 2.06 49.69
N VAL C 270 55.18 2.31 50.90
CA VAL C 270 54.32 1.36 51.58
C VAL C 270 52.96 1.96 51.94
N PHE C 271 51.90 1.23 51.60
CA PHE C 271 50.55 1.61 52.02
C PHE C 271 49.75 0.39 52.47
N TYR C 272 48.57 0.65 53.05
CA TYR C 272 47.80 -0.40 53.71
C TYR C 272 46.37 -0.51 53.19
N ALA C 273 45.93 -1.75 52.95
CA ALA C 273 44.59 -2.05 52.44
C ALA C 273 44.00 -3.30 53.09
N PRO C 274 42.80 -3.19 53.70
CA PRO C 274 42.19 -4.22 54.54
C PRO C 274 41.92 -5.58 53.87
N ARG C 275 40.93 -5.64 52.96
CA ARG C 275 40.40 -6.91 52.49
C ARG C 275 41.30 -7.64 51.48
N LEU C 276 41.51 -8.94 51.70
CA LEU C 276 42.31 -9.77 50.79
C LEU C 276 41.67 -9.84 49.40
N ARG C 277 40.35 -10.00 49.38
CA ARG C 277 39.55 -9.97 48.16
C ARG C 277 39.94 -8.78 47.27
N ILE C 278 39.84 -7.59 47.83
CA ILE C 278 40.15 -6.33 47.13
C ILE C 278 41.64 -6.22 46.77
N ASN C 279 42.50 -6.65 47.69
CA ASN C 279 43.95 -6.57 47.48
C ASN C 279 44.46 -7.41 46.31
N LYS C 280 43.80 -8.55 46.05
CA LYS C 280 44.11 -9.38 44.89
C LYS C 280 43.79 -8.66 43.58
N ARG C 281 42.63 -7.99 43.55
CA ARG C 281 42.18 -7.23 42.39
C ARG C 281 43.12 -6.06 42.11
N ILE C 282 43.54 -5.37 43.16
CA ILE C 282 44.52 -4.29 43.05
C ILE C 282 45.79 -4.79 42.36
N LEU C 283 46.35 -5.89 42.85
CA LEU C 283 47.57 -6.46 42.29
C LEU C 283 47.43 -6.81 40.81
N ALA C 284 46.32 -7.46 40.45
CA ALA C 284 46.05 -7.84 39.07
C ALA C 284 45.92 -6.62 38.16
N LEU C 285 45.30 -5.56 38.68
CA LEU C 285 45.13 -4.32 37.92
C LEU C 285 46.44 -3.56 37.72
N CYS C 286 47.31 -3.62 38.72
CA CYS C 286 48.63 -2.99 38.64
C CYS C 286 49.51 -3.65 37.57
N MET C 287 49.54 -4.98 37.57
CA MET C 287 50.37 -5.73 36.62
C MET C 287 49.86 -5.61 35.19
N GLY C 288 48.54 -5.69 35.04
CA GLY C 288 47.89 -5.53 33.73
C GLY C 288 48.11 -4.17 33.11
N ASN C 289 47.95 -3.12 33.92
CA ASN C 289 48.19 -1.75 33.46
C ASN C 289 49.66 -1.45 33.17
N HIS C 290 50.55 -2.04 33.97
CA HIS C 290 51.99 -1.87 33.78
C HIS C 290 52.47 -2.62 32.54
N GLU C 291 51.82 -3.75 32.26
CA GLU C 291 52.15 -4.57 31.09
C GLU C 291 51.81 -3.82 29.81
N LEU C 292 50.56 -3.35 29.72
CA LEU C 292 50.07 -2.61 28.55
C LEU C 292 50.83 -1.30 28.36
N TYR C 293 51.21 -0.67 29.47
CA TYR C 293 51.99 0.57 29.46
C TYR C 293 53.34 0.36 28.76
N MET C 294 54.03 -0.72 29.12
CA MET C 294 55.33 -1.04 28.51
C MET C 294 55.17 -1.50 27.07
N ARG C 295 54.10 -2.25 26.81
CA ARG C 295 53.83 -2.81 25.48
C ARG C 295 53.60 -1.73 24.41
N ARG C 296 53.04 -0.58 24.84
CA ARG C 296 52.81 0.57 23.95
C ARG C 296 54.10 1.26 23.52
N ARG C 297 55.19 0.96 24.23
CA ARG C 297 56.46 1.64 24.01
C ARG C 297 57.53 0.70 23.46
N LYS C 298 57.11 -0.53 23.16
CA LYS C 298 57.94 -1.47 22.43
C LYS C 298 57.67 -1.34 20.93
N PRO C 299 56.78 -2.17 20.40
CA PRO C 299 56.39 -2.14 18.98
C PRO C 299 55.05 -2.85 18.76
N ASP C 300 54.29 -2.40 17.76
CA ASP C 300 53.01 -2.99 17.42
C ASP C 300 53.18 -4.36 16.77
N THR C 301 52.42 -5.34 17.24
CA THR C 301 52.52 -6.73 16.78
C THR C 301 51.99 -6.93 15.36
N LYS D 5 -30.56 -8.63 5.73
CA LYS D 5 -29.26 -8.77 5.00
C LYS D 5 -29.45 -8.41 3.53
N PRO D 6 -28.83 -7.30 3.09
CA PRO D 6 -28.98 -6.78 1.73
C PRO D 6 -28.36 -7.68 0.67
N ILE D 7 -28.88 -7.57 -0.55
CA ILE D 7 -28.43 -8.37 -1.69
C ILE D 7 -27.91 -7.46 -2.80
N ASN D 8 -26.70 -7.72 -3.27
CA ASN D 8 -26.10 -6.91 -4.33
C ASN D 8 -26.78 -7.13 -5.67
N VAL D 9 -27.03 -6.03 -6.37
CA VAL D 9 -27.68 -6.05 -7.67
C VAL D 9 -26.92 -5.17 -8.65
N ARG D 10 -26.85 -5.61 -9.89
CA ARG D 10 -26.23 -4.85 -10.97
C ARG D 10 -27.23 -4.74 -12.11
N VAL D 11 -27.50 -3.52 -12.54
CA VAL D 11 -28.41 -3.27 -13.66
C VAL D 11 -27.66 -2.55 -14.75
N THR D 12 -27.71 -3.11 -15.96
CA THR D 12 -27.03 -2.53 -17.11
C THR D 12 -28.04 -2.03 -18.15
N THR D 13 -27.99 -0.74 -18.43
CA THR D 13 -28.70 -0.18 -19.59
C THR D 13 -27.77 -0.34 -20.79
N MET D 14 -28.18 0.17 -21.95
CA MET D 14 -27.34 0.08 -23.14
C MET D 14 -25.98 0.78 -22.99
N ASP D 15 -25.92 1.80 -22.14
CA ASP D 15 -24.67 2.54 -21.95
C ASP D 15 -24.31 2.89 -20.50
N ALA D 16 -24.94 2.23 -19.54
CA ALA D 16 -24.65 2.49 -18.14
C ALA D 16 -24.66 1.24 -17.28
N GLU D 17 -23.84 1.25 -16.24
CA GLU D 17 -23.76 0.18 -15.27
C GLU D 17 -24.18 0.73 -13.91
N LEU D 18 -25.22 0.16 -13.33
CA LEU D 18 -25.79 0.69 -12.09
C LEU D 18 -25.78 -0.37 -11.00
N GLU D 19 -25.35 0.04 -9.82
CA GLU D 19 -25.22 -0.89 -8.70
C GLU D 19 -26.19 -0.53 -7.60
N PHE D 20 -26.96 -1.52 -7.17
CA PHE D 20 -27.95 -1.30 -6.12
C PHE D 20 -27.91 -2.42 -5.08
N ALA D 21 -28.58 -2.20 -3.96
CA ALA D 21 -28.78 -3.24 -2.96
C ALA D 21 -30.27 -3.38 -2.70
N ILE D 22 -30.76 -4.61 -2.72
CA ILE D 22 -32.17 -4.91 -2.48
C ILE D 22 -32.33 -5.75 -1.22
N GLN D 23 -33.57 -5.88 -0.77
CA GLN D 23 -33.90 -6.67 0.41
C GLN D 23 -34.80 -7.84 0.00
N PRO D 24 -34.84 -8.91 0.82
CA PRO D 24 -35.71 -10.06 0.55
C PRO D 24 -37.12 -9.68 0.10
N ASN D 25 -37.64 -8.57 0.62
CA ASN D 25 -39.00 -8.12 0.37
C ASN D 25 -39.18 -7.22 -0.86
N THR D 26 -38.09 -6.73 -1.44
CA THR D 26 -38.15 -5.80 -2.57
C THR D 26 -38.86 -6.43 -3.77
N THR D 27 -39.80 -5.68 -4.35
CA THR D 27 -40.53 -6.13 -5.53
C THR D 27 -39.79 -5.75 -6.79
N GLY D 28 -40.15 -6.40 -7.89
CA GLY D 28 -39.64 -6.03 -9.21
C GLY D 28 -39.98 -4.59 -9.54
N LYS D 29 -41.20 -4.19 -9.20
CA LYS D 29 -41.68 -2.82 -9.35
C LYS D 29 -40.71 -1.82 -8.70
N GLN D 30 -40.39 -2.06 -7.44
CA GLN D 30 -39.50 -1.19 -6.68
C GLN D 30 -38.11 -1.07 -7.30
N LEU D 31 -37.54 -2.18 -7.77
CA LEU D 31 -36.26 -2.15 -8.48
C LEU D 31 -36.37 -1.42 -9.80
N PHE D 32 -37.44 -1.70 -10.55
CA PHE D 32 -37.70 -1.01 -11.82
C PHE D 32 -37.78 0.49 -11.60
N ASP D 33 -38.65 0.91 -10.66
CA ASP D 33 -38.83 2.34 -10.36
C ASP D 33 -37.51 3.03 -9.98
N GLN D 34 -36.64 2.30 -9.28
CA GLN D 34 -35.34 2.84 -8.92
C GLN D 34 -34.46 3.06 -10.15
N VAL D 35 -34.37 2.04 -11.03
CA VAL D 35 -33.62 2.16 -12.28
C VAL D 35 -34.08 3.41 -13.03
N VAL D 36 -35.40 3.53 -13.19
CA VAL D 36 -36.07 4.66 -13.84
C VAL D 36 -35.75 6.02 -13.18
N LYS D 37 -35.84 6.08 -11.85
CA LYS D 37 -35.41 7.25 -11.08
C LYS D 37 -33.97 7.65 -11.41
N THR D 38 -33.07 6.66 -11.35
CA THR D 38 -31.64 6.87 -11.56
C THR D 38 -31.26 7.42 -12.96
N VAL D 39 -31.87 6.88 -14.01
CA VAL D 39 -31.56 7.32 -15.38
C VAL D 39 -32.39 8.53 -15.80
N GLY D 40 -33.40 8.87 -14.99
CA GLY D 40 -34.26 10.03 -15.27
C GLY D 40 -35.18 9.81 -16.45
N LEU D 41 -35.63 8.58 -16.62
CA LEU D 41 -36.52 8.21 -17.70
C LEU D 41 -37.97 8.34 -17.26
N ARG D 42 -38.80 8.90 -18.13
CA ARG D 42 -40.22 9.12 -17.82
C ARG D 42 -41.14 8.26 -18.70
N GLU D 43 -40.67 7.96 -19.91
CA GLU D 43 -41.43 7.14 -20.85
C GLU D 43 -41.24 5.65 -20.52
N VAL D 44 -41.68 5.29 -19.32
CA VAL D 44 -41.36 4.02 -18.67
C VAL D 44 -42.09 2.81 -19.24
N TRP D 45 -43.25 3.06 -19.84
CA TRP D 45 -44.11 2.00 -20.35
C TRP D 45 -43.46 1.08 -21.39
N PHE D 46 -42.41 1.56 -22.07
CA PHE D 46 -41.73 0.78 -23.10
C PHE D 46 -40.81 -0.30 -22.53
N PHE D 47 -40.45 -0.17 -21.25
CA PHE D 47 -39.28 -0.88 -20.72
C PHE D 47 -39.60 -1.98 -19.70
N GLY D 48 -38.62 -2.86 -19.51
CA GLY D 48 -38.67 -3.90 -18.50
C GLY D 48 -37.27 -4.26 -18.04
N LEU D 49 -37.18 -5.27 -17.18
CA LEU D 49 -35.89 -5.78 -16.73
C LEU D 49 -35.73 -7.25 -17.12
N GLN D 50 -34.56 -7.61 -17.64
CA GLN D 50 -34.27 -8.98 -18.02
C GLN D 50 -33.31 -9.62 -17.03
N TYR D 51 -33.52 -10.90 -16.76
CA TYR D 51 -32.56 -11.70 -15.99
C TYR D 51 -32.41 -13.09 -16.61
N VAL D 52 -31.43 -13.84 -16.11
CA VAL D 52 -31.26 -15.24 -16.45
C VAL D 52 -31.70 -16.06 -15.24
N ASP D 53 -32.57 -17.05 -15.46
CA ASP D 53 -33.00 -17.93 -14.36
C ASP D 53 -31.94 -18.99 -14.07
N SER D 54 -32.17 -19.79 -13.03
CA SER D 54 -31.22 -20.82 -12.62
C SER D 54 -31.02 -21.90 -13.68
N LYS D 55 -31.90 -21.94 -14.67
CA LYS D 55 -31.83 -22.92 -15.75
C LYS D 55 -31.19 -22.38 -17.03
N GLY D 56 -30.84 -21.11 -17.04
CA GLY D 56 -30.16 -20.49 -18.18
C GLY D 56 -31.05 -19.78 -19.19
N TYR D 57 -32.31 -19.53 -18.83
CA TYR D 57 -33.25 -18.85 -19.72
C TYR D 57 -33.40 -17.35 -19.43
N SER D 58 -33.27 -16.54 -20.48
CA SER D 58 -33.55 -15.12 -20.41
C SER D 58 -35.04 -14.88 -20.12
N THR D 59 -35.30 -14.09 -19.08
CA THR D 59 -36.64 -13.90 -18.57
C THR D 59 -36.88 -12.44 -18.21
N TRP D 60 -38.08 -11.96 -18.50
CA TRP D 60 -38.50 -10.65 -18.03
C TRP D 60 -38.89 -10.74 -16.56
N LEU D 61 -38.35 -9.83 -15.74
CA LEU D 61 -38.70 -9.76 -14.32
C LEU D 61 -40.15 -9.27 -14.16
N LYS D 62 -40.93 -10.00 -13.37
CA LYS D 62 -42.28 -9.58 -12.99
C LYS D 62 -42.18 -8.45 -11.98
N LEU D 63 -43.03 -7.44 -12.13
CA LEU D 63 -43.01 -6.27 -11.24
C LEU D 63 -43.76 -6.46 -9.94
N ASN D 64 -44.89 -7.16 -9.97
CA ASN D 64 -45.69 -7.39 -8.75
C ASN D 64 -45.27 -8.65 -7.97
N LYS D 65 -43.98 -8.98 -8.04
CA LYS D 65 -43.44 -10.13 -7.32
C LYS D 65 -42.11 -9.73 -6.70
N LYS D 66 -41.79 -10.34 -5.56
CA LYS D 66 -40.48 -10.18 -4.94
C LYS D 66 -39.42 -10.66 -5.91
N VAL D 67 -38.37 -9.84 -6.08
CA VAL D 67 -37.23 -10.20 -6.93
C VAL D 67 -36.65 -11.56 -6.52
N THR D 68 -36.56 -11.80 -5.20
CA THR D 68 -35.94 -13.02 -4.68
C THR D 68 -36.81 -14.28 -4.85
N GLN D 69 -38.03 -14.11 -5.34
CA GLN D 69 -38.98 -15.21 -5.47
C GLN D 69 -39.20 -15.59 -6.94
N GLN D 70 -38.30 -15.14 -7.82
CA GLN D 70 -38.48 -15.30 -9.26
C GLN D 70 -37.42 -16.18 -9.91
N ASP D 71 -36.64 -16.89 -9.10
CA ASP D 71 -35.62 -17.84 -9.57
C ASP D 71 -34.51 -17.16 -10.40
N VAL D 72 -34.09 -15.98 -9.97
CA VAL D 72 -32.95 -15.30 -10.58
C VAL D 72 -31.67 -16.09 -10.27
N LYS D 73 -30.86 -16.33 -11.30
CA LYS D 73 -29.61 -17.07 -11.14
C LYS D 73 -28.83 -16.55 -9.94
N LYS D 74 -28.50 -17.46 -9.03
CA LYS D 74 -27.85 -17.12 -7.78
C LYS D 74 -26.39 -16.73 -8.02
N GLU D 75 -26.11 -15.43 -7.87
CA GLU D 75 -24.75 -14.89 -7.98
C GLU D 75 -24.63 -13.53 -7.26
N ASN D 76 -23.39 -13.07 -7.11
CA ASN D 76 -23.11 -11.85 -6.38
C ASN D 76 -22.27 -10.91 -7.26
N PRO D 77 -22.89 -9.86 -7.83
CA PRO D 77 -24.28 -9.42 -7.68
C PRO D 77 -25.25 -10.16 -8.59
N LEU D 78 -26.56 -10.04 -8.32
CA LEU D 78 -27.57 -10.48 -9.29
C LEU D 78 -27.49 -9.58 -10.53
N GLN D 79 -27.71 -10.15 -11.71
CA GLN D 79 -27.53 -9.43 -12.96
C GLN D 79 -28.84 -9.12 -13.67
N PHE D 80 -29.00 -7.87 -14.10
CA PHE D 80 -30.20 -7.41 -14.80
C PHE D 80 -29.85 -6.53 -15.99
N LYS D 81 -30.64 -6.66 -17.04
CA LYS D 81 -30.57 -5.74 -18.18
C LYS D 81 -31.84 -4.91 -18.25
N PHE D 82 -31.67 -3.59 -18.32
CA PHE D 82 -32.78 -2.68 -18.56
C PHE D 82 -32.90 -2.47 -20.06
N ARG D 83 -34.00 -2.97 -20.62
CA ARG D 83 -34.23 -2.93 -22.07
C ARG D 83 -35.68 -2.62 -22.43
N ALA D 84 -35.88 -2.17 -23.67
CA ALA D 84 -37.19 -1.95 -24.22
C ALA D 84 -37.85 -3.31 -24.49
N LYS D 85 -39.04 -3.50 -23.92
CA LYS D 85 -39.86 -4.67 -24.22
C LYS D 85 -40.85 -4.34 -25.34
N PHE D 86 -41.25 -3.06 -25.41
CA PHE D 86 -42.22 -2.60 -26.39
C PHE D 86 -41.66 -1.45 -27.21
N PHE D 87 -42.09 -1.39 -28.47
CA PHE D 87 -41.61 -0.41 -29.43
C PHE D 87 -42.78 0.44 -29.93
N PRO D 88 -42.57 1.75 -30.12
CA PRO D 88 -43.62 2.64 -30.60
C PRO D 88 -44.03 2.35 -32.04
N GLU D 89 -45.17 2.91 -32.45
CA GLU D 89 -45.59 2.85 -33.85
C GLU D 89 -44.77 3.84 -34.69
N ASP D 90 -44.45 4.99 -34.09
CA ASP D 90 -43.58 5.97 -34.73
C ASP D 90 -42.64 6.60 -33.70
N VAL D 91 -41.34 6.47 -33.96
CA VAL D 91 -40.31 6.99 -33.05
C VAL D 91 -40.33 8.51 -32.97
N SER D 92 -40.62 9.18 -34.09
CA SER D 92 -40.66 10.64 -34.14
C SER D 92 -41.59 11.25 -33.09
N GLU D 93 -42.82 10.73 -33.01
CA GLU D 93 -43.82 11.34 -32.13
C GLU D 93 -44.00 10.69 -30.77
N GLU D 94 -43.29 9.59 -30.50
CA GLU D 94 -43.48 8.86 -29.24
C GLU D 94 -42.27 8.87 -28.31
N LEU D 95 -41.09 9.13 -28.87
CA LEU D 95 -39.88 9.24 -28.05
C LEU D 95 -39.48 10.71 -27.91
N ILE D 96 -39.96 11.35 -26.85
CA ILE D 96 -39.73 12.78 -26.61
C ILE D 96 -38.41 13.06 -25.90
N GLN D 97 -38.14 12.36 -24.80
CA GLN D 97 -36.92 12.54 -24.01
C GLN D 97 -35.67 12.05 -24.75
N GLU D 98 -34.57 12.77 -24.59
CA GLU D 98 -33.28 12.38 -25.18
C GLU D 98 -32.85 10.99 -24.73
N ILE D 99 -32.96 10.73 -23.43
CA ILE D 99 -32.54 9.45 -22.84
C ILE D 99 -33.24 8.24 -23.49
N THR D 100 -34.55 8.35 -23.71
CA THR D 100 -35.34 7.31 -24.36
C THR D 100 -34.86 7.06 -25.79
N GLN D 101 -34.63 8.13 -26.54
CA GLN D 101 -34.16 8.05 -27.91
C GLN D 101 -32.82 7.32 -27.98
N ARG D 102 -31.92 7.64 -27.04
CA ARG D 102 -30.60 7.05 -26.99
C ARG D 102 -30.63 5.56 -26.68
N LEU D 103 -31.40 5.18 -25.66
CA LEU D 103 -31.54 3.78 -25.28
C LEU D 103 -32.14 2.94 -26.40
N PHE D 104 -33.14 3.48 -27.08
CA PHE D 104 -33.74 2.83 -28.25
C PHE D 104 -32.76 2.70 -29.42
N PHE D 105 -32.08 3.81 -29.73
CA PHE D 105 -31.06 3.81 -30.78
C PHE D 105 -30.00 2.72 -30.55
N LEU D 106 -29.42 2.69 -29.36
CA LEU D 106 -28.38 1.72 -29.01
C LEU D 106 -28.88 0.27 -29.05
N GLN D 107 -30.07 0.02 -28.51
CA GLN D 107 -30.65 -1.33 -28.48
C GLN D 107 -31.01 -1.86 -29.88
N VAL D 108 -31.56 -0.98 -30.72
CA VAL D 108 -31.93 -1.34 -32.10
C VAL D 108 -30.69 -1.54 -32.96
N LYS D 109 -29.71 -0.65 -32.83
CA LYS D 109 -28.43 -0.76 -33.55
C LYS D 109 -27.76 -2.10 -33.23
N GLU D 110 -27.76 -2.46 -31.95
CA GLU D 110 -27.22 -3.74 -31.50
C GLU D 110 -27.92 -4.91 -32.18
N ALA D 111 -29.25 -4.91 -32.15
CA ALA D 111 -30.06 -5.97 -32.79
C ALA D 111 -29.80 -6.10 -34.30
N ILE D 112 -29.56 -4.96 -34.97
CA ILE D 112 -29.22 -4.96 -36.39
C ILE D 112 -27.81 -5.52 -36.60
N LEU D 113 -26.87 -5.07 -35.77
CA LEU D 113 -25.48 -5.54 -35.81
C LEU D 113 -25.36 -7.04 -35.50
N ASN D 114 -26.25 -7.54 -34.64
CA ASN D 114 -26.28 -8.96 -34.26
C ASN D 114 -27.04 -9.87 -35.21
N ASP D 115 -27.54 -9.30 -36.31
CA ASP D 115 -28.31 -10.02 -37.32
C ASP D 115 -29.69 -10.50 -36.84
N GLU D 116 -30.15 -9.95 -35.71
CA GLU D 116 -31.47 -10.27 -35.15
C GLU D 116 -32.58 -9.64 -35.97
N ILE D 117 -32.32 -8.44 -36.49
CA ILE D 117 -33.21 -7.76 -37.41
C ILE D 117 -32.51 -7.72 -38.77
N TYR D 118 -33.11 -8.36 -39.77
CA TYR D 118 -32.52 -8.39 -41.11
C TYR D 118 -32.42 -6.99 -41.68
N CYS D 119 -31.30 -6.69 -42.32
CA CYS D 119 -31.11 -5.41 -42.95
C CYS D 119 -30.30 -5.55 -44.23
N PRO D 120 -30.84 -5.07 -45.36
CA PRO D 120 -30.11 -5.17 -46.61
C PRO D 120 -28.86 -4.26 -46.61
N PRO D 121 -27.86 -4.58 -47.45
CA PRO D 121 -26.51 -3.97 -47.35
C PRO D 121 -26.45 -2.43 -47.50
N GLU D 122 -27.09 -1.89 -48.53
CA GLU D 122 -27.06 -0.45 -48.79
C GLU D 122 -27.72 0.35 -47.68
N THR D 123 -28.79 -0.21 -47.12
CA THR D 123 -29.45 0.40 -45.97
C THR D 123 -28.56 0.29 -44.73
N ALA D 124 -27.91 -0.86 -44.57
CA ALA D 124 -26.97 -1.09 -43.47
C ALA D 124 -25.81 -0.11 -43.50
N VAL D 125 -25.33 0.22 -44.70
CA VAL D 125 -24.26 1.20 -44.86
C VAL D 125 -24.74 2.60 -44.46
N LEU D 126 -25.91 2.99 -44.94
CA LEU D 126 -26.50 4.28 -44.58
C LEU D 126 -26.70 4.40 -43.07
N LEU D 127 -27.25 3.34 -42.46
CA LEU D 127 -27.44 3.28 -41.01
C LEU D 127 -26.13 3.46 -40.26
N ALA D 128 -25.09 2.73 -40.68
CA ALA D 128 -23.76 2.82 -40.09
C ALA D 128 -23.23 4.26 -40.08
N SER D 129 -23.45 4.97 -41.17
CA SER D 129 -22.98 6.34 -41.30
C SER D 129 -23.71 7.32 -40.36
N TYR D 130 -24.95 6.99 -39.99
CA TYR D 130 -25.66 7.78 -38.99
C TYR D 130 -25.16 7.45 -37.59
N ALA D 131 -24.77 6.20 -37.38
CA ALA D 131 -24.11 5.82 -36.12
C ALA D 131 -22.78 6.56 -36.01
N VAL D 132 -22.07 6.69 -37.13
CA VAL D 132 -20.77 7.37 -37.17
C VAL D 132 -20.93 8.88 -36.91
N GLN D 133 -21.91 9.50 -37.57
CA GLN D 133 -22.20 10.91 -37.35
C GLN D 133 -22.54 11.17 -35.88
N ALA D 134 -23.29 10.25 -35.27
CA ALA D 134 -23.68 10.36 -33.87
C ALA D 134 -22.48 10.28 -32.92
N LYS D 135 -21.55 9.37 -33.23
CA LYS D 135 -20.41 9.10 -32.35
C LYS D 135 -19.25 10.08 -32.57
N TYR D 136 -18.93 10.35 -33.83
CA TYR D 136 -17.73 11.12 -34.19
C TYR D 136 -17.98 12.61 -34.39
N GLY D 137 -19.24 12.97 -34.61
CA GLY D 137 -19.59 14.33 -34.99
C GLY D 137 -19.25 14.57 -36.45
N ASP D 138 -19.22 15.84 -36.84
CA ASP D 138 -18.93 16.23 -38.22
C ASP D 138 -17.62 15.63 -38.73
N TYR D 139 -17.64 15.20 -39.99
CA TYR D 139 -16.45 14.69 -40.65
C TYR D 139 -15.38 15.78 -40.79
N ASN D 140 -14.17 15.44 -40.38
CA ASN D 140 -13.05 16.37 -40.35
C ASN D 140 -11.90 15.74 -41.12
N LYS D 141 -11.47 16.40 -42.18
CA LYS D 141 -10.41 15.88 -43.06
C LYS D 141 -9.12 15.57 -42.31
N GLU D 142 -8.77 16.43 -41.35
CA GLU D 142 -7.53 16.29 -40.58
C GLU D 142 -7.55 15.10 -39.62
N ILE D 143 -8.61 14.99 -38.82
CA ILE D 143 -8.76 13.91 -37.86
C ILE D 143 -9.14 12.58 -38.53
N HIS D 144 -10.18 12.61 -39.35
CA HIS D 144 -10.73 11.39 -39.94
C HIS D 144 -10.03 10.94 -41.23
N LYS D 145 -8.77 10.56 -41.10
CA LYS D 145 -8.02 9.98 -42.21
C LYS D 145 -8.44 8.52 -42.37
N PRO D 146 -8.36 7.98 -43.62
CA PRO D 146 -8.69 6.57 -43.89
C PRO D 146 -8.15 5.61 -42.83
N GLY D 147 -8.98 4.67 -42.41
CA GLY D 147 -8.64 3.76 -41.31
C GLY D 147 -9.20 4.21 -39.97
N TYR D 148 -9.86 5.37 -39.93
CA TYR D 148 -10.40 5.92 -38.69
C TYR D 148 -11.58 5.12 -38.12
N LEU D 149 -12.22 4.32 -38.95
CA LEU D 149 -13.34 3.48 -38.53
C LEU D 149 -12.92 2.03 -38.28
N ALA D 150 -11.61 1.78 -38.22
CA ALA D 150 -11.09 0.42 -38.09
C ALA D 150 -11.44 -0.26 -36.76
N ASN D 151 -11.68 0.54 -35.73
CA ASN D 151 -12.00 0.02 -34.41
C ASN D 151 -13.50 0.12 -34.09
N ASP D 152 -14.31 0.36 -35.12
CA ASP D 152 -15.75 0.41 -34.98
C ASP D 152 -16.43 -0.83 -35.53
N ARG D 153 -17.42 -1.34 -34.79
CA ARG D 153 -18.29 -2.37 -35.31
C ARG D 153 -19.47 -1.67 -35.99
N LEU D 154 -19.55 -1.79 -37.31
CA LEU D 154 -20.44 -0.93 -38.10
C LEU D 154 -21.54 -1.66 -38.87
N LEU D 155 -21.28 -2.91 -39.24
CA LEU D 155 -22.18 -3.67 -40.11
C LEU D 155 -22.50 -5.06 -39.56
N PRO D 156 -23.71 -5.57 -39.84
CA PRO D 156 -24.02 -6.96 -39.52
C PRO D 156 -23.10 -7.93 -40.26
N GLN D 157 -22.79 -9.05 -39.61
CA GLN D 157 -21.91 -10.08 -40.15
C GLN D 157 -22.34 -10.61 -41.53
N ARG D 158 -23.65 -10.72 -41.75
CA ARG D 158 -24.19 -11.19 -43.03
C ARG D 158 -23.66 -10.38 -44.22
N VAL D 159 -23.70 -9.05 -44.09
CA VAL D 159 -23.25 -8.14 -45.14
C VAL D 159 -21.76 -8.33 -45.42
N LEU D 160 -20.97 -8.48 -44.37
CA LEU D 160 -19.52 -8.61 -44.48
C LEU D 160 -19.11 -9.93 -45.17
N GLU D 161 -19.67 -11.04 -44.71
CA GLU D 161 -19.32 -12.37 -45.21
C GLU D 161 -19.89 -12.70 -46.59
N GLN D 162 -21.00 -12.06 -46.96
CA GLN D 162 -21.68 -12.37 -48.21
C GLN D 162 -21.30 -11.44 -49.37
N HIS D 163 -20.17 -10.75 -49.25
CA HIS D 163 -19.73 -9.83 -50.31
C HIS D 163 -18.24 -9.91 -50.62
N LYS D 164 -17.86 -9.30 -51.73
CA LYS D 164 -16.48 -9.30 -52.21
C LYS D 164 -15.61 -8.28 -51.48
N LEU D 165 -16.21 -7.15 -51.11
CA LEU D 165 -15.48 -6.01 -50.52
C LEU D 165 -14.72 -6.36 -49.24
N THR D 166 -13.49 -5.85 -49.14
CA THR D 166 -12.68 -5.99 -47.93
C THR D 166 -13.20 -5.06 -46.84
N LYS D 167 -12.75 -5.31 -45.61
CA LYS D 167 -13.09 -4.47 -44.45
C LYS D 167 -12.94 -2.97 -44.75
N GLU D 168 -11.77 -2.60 -45.26
CA GLU D 168 -11.45 -1.19 -45.56
C GLU D 168 -12.29 -0.56 -46.67
N GLN D 169 -12.74 -1.37 -47.62
CA GLN D 169 -13.66 -0.92 -48.67
C GLN D 169 -15.03 -0.54 -48.12
N TRP D 170 -15.56 -1.38 -47.23
CA TRP D 170 -16.79 -1.08 -46.51
C TRP D 170 -16.67 0.21 -45.68
N GLU D 171 -15.50 0.39 -45.06
CA GLU D 171 -15.22 1.59 -44.26
C GLU D 171 -15.23 2.87 -45.09
N GLU D 172 -14.70 2.78 -46.31
CA GLU D 172 -14.77 3.89 -47.27
C GLU D 172 -16.22 4.20 -47.69
N ARG D 173 -16.98 3.14 -47.95
CA ARG D 173 -18.39 3.27 -48.28
C ARG D 173 -19.15 4.05 -47.20
N ILE D 174 -18.90 3.71 -45.95
CA ILE D 174 -19.54 4.34 -44.80
C ILE D 174 -19.05 5.78 -44.60
N GLN D 175 -17.76 6.00 -44.80
CA GLN D 175 -17.14 7.33 -44.70
C GLN D 175 -17.73 8.31 -45.71
N ASN D 176 -17.88 7.88 -46.96
CA ASN D 176 -18.47 8.72 -48.01
C ASN D 176 -19.83 9.28 -47.59
N TRP D 177 -20.67 8.42 -46.98
CA TRP D 177 -21.95 8.84 -46.42
C TRP D 177 -21.77 9.80 -45.23
N HIS D 178 -20.85 9.46 -44.33
CA HIS D 178 -20.54 10.29 -43.15
C HIS D 178 -20.17 11.72 -43.53
N GLU D 179 -19.40 11.87 -44.61
CA GLU D 179 -19.00 13.19 -45.12
C GLU D 179 -20.20 14.06 -45.46
N GLU D 180 -21.31 13.42 -45.84
CA GLU D 180 -22.47 14.14 -46.35
C GLU D 180 -23.49 14.52 -45.28
N HIS D 181 -23.23 14.11 -44.04
CA HIS D 181 -24.12 14.45 -42.92
C HIS D 181 -23.70 15.66 -42.07
N ARG D 182 -22.78 16.48 -42.58
CA ARG D 182 -22.26 17.64 -41.83
C ARG D 182 -23.38 18.54 -41.34
N GLY D 183 -23.28 18.97 -40.09
CA GLY D 183 -24.26 19.86 -39.49
C GLY D 183 -25.33 19.14 -38.69
N MET D 184 -25.37 17.81 -38.82
CA MET D 184 -26.37 17.00 -38.16
C MET D 184 -25.97 16.69 -36.72
N LEU D 185 -26.79 17.13 -35.77
CA LEU D 185 -26.55 16.90 -34.35
C LEU D 185 -26.71 15.44 -33.95
N ARG D 186 -26.13 15.09 -32.79
CA ARG D 186 -26.15 13.73 -32.26
C ARG D 186 -27.57 13.16 -32.17
N GLU D 187 -28.49 13.96 -31.62
CA GLU D 187 -29.90 13.56 -31.47
C GLU D 187 -30.61 13.37 -32.81
N ASP D 188 -30.31 14.24 -33.77
CA ASP D 188 -30.84 14.10 -35.13
C ASP D 188 -30.38 12.81 -35.79
N SER D 189 -29.08 12.50 -35.67
CA SER D 189 -28.47 11.32 -36.25
C SER D 189 -29.13 10.03 -35.75
N MET D 190 -29.30 9.95 -34.42
CA MET D 190 -29.92 8.80 -33.78
C MET D 190 -31.36 8.61 -34.24
N MET D 191 -32.07 9.72 -34.42
CA MET D 191 -33.45 9.70 -34.85
C MET D 191 -33.61 9.31 -36.33
N GLU D 192 -32.67 9.75 -37.17
CA GLU D 192 -32.67 9.34 -38.57
C GLU D 192 -32.40 7.84 -38.69
N TYR D 193 -31.49 7.35 -37.84
CA TYR D 193 -31.20 5.92 -37.74
C TYR D 193 -32.49 5.16 -37.42
N LEU D 194 -33.20 5.61 -36.38
CA LEU D 194 -34.42 4.96 -35.92
C LEU D 194 -35.56 5.03 -36.93
N LYS D 195 -35.64 6.14 -37.67
CA LYS D 195 -36.68 6.30 -38.69
C LYS D 195 -36.49 5.32 -39.85
N ILE D 196 -35.24 5.04 -40.18
CA ILE D 196 -34.94 4.04 -41.21
C ILE D 196 -35.14 2.64 -40.63
N ALA D 197 -34.70 2.44 -39.39
CA ALA D 197 -34.77 1.13 -38.76
C ALA D 197 -36.20 0.67 -38.48
N GLN D 198 -37.09 1.60 -38.16
CA GLN D 198 -38.48 1.25 -37.83
C GLN D 198 -39.28 0.75 -39.04
N ASP D 199 -38.78 1.02 -40.24
CA ASP D 199 -39.43 0.58 -41.48
C ASP D 199 -38.97 -0.80 -41.95
N LEU D 200 -37.95 -1.35 -41.30
CA LEU D 200 -37.49 -2.71 -41.61
C LEU D 200 -38.56 -3.72 -41.22
N GLU D 201 -38.70 -4.77 -42.03
CA GLU D 201 -39.79 -5.73 -41.86
C GLU D 201 -39.70 -6.56 -40.59
N MET D 202 -38.49 -6.74 -40.06
CA MET D 202 -38.30 -7.49 -38.82
C MET D 202 -38.22 -6.59 -37.58
N TYR D 203 -38.32 -5.28 -37.79
CA TYR D 203 -38.22 -4.33 -36.67
C TYR D 203 -39.41 -4.44 -35.74
N GLY D 204 -39.12 -4.54 -34.45
CA GLY D 204 -40.15 -4.48 -33.41
C GLY D 204 -41.09 -5.68 -33.36
N VAL D 205 -40.69 -6.78 -33.97
CA VAL D 205 -41.52 -7.99 -33.93
C VAL D 205 -40.86 -9.14 -33.15
N ASN D 206 -41.61 -9.67 -32.18
CA ASN D 206 -41.17 -10.86 -31.46
C ASN D 206 -41.71 -12.10 -32.15
N TYR D 207 -40.80 -12.98 -32.54
CA TYR D 207 -41.13 -14.20 -33.28
C TYR D 207 -41.24 -15.41 -32.37
N PHE D 208 -42.24 -16.25 -32.63
CA PHE D 208 -42.49 -17.44 -31.82
C PHE D 208 -42.87 -18.64 -32.68
N GLU D 209 -42.28 -19.79 -32.35
CA GLU D 209 -42.57 -21.04 -33.04
C GLU D 209 -43.98 -21.51 -32.75
N ILE D 210 -44.71 -21.79 -33.82
CA ILE D 210 -46.14 -21.99 -33.75
C ILE D 210 -46.58 -23.15 -34.64
N LYS D 211 -47.72 -23.76 -34.31
CA LYS D 211 -48.27 -24.82 -35.14
C LYS D 211 -49.76 -24.62 -35.39
N ASN D 212 -50.23 -25.07 -36.56
CA ASN D 212 -51.66 -25.19 -36.79
C ASN D 212 -52.15 -26.57 -36.35
N LYS D 213 -53.47 -26.77 -36.34
CA LYS D 213 -54.05 -28.08 -35.98
C LYS D 213 -53.40 -29.23 -36.76
N LYS D 214 -53.18 -29.00 -38.04
CA LYS D 214 -52.55 -29.97 -38.94
C LYS D 214 -51.12 -30.32 -38.52
N GLY D 215 -50.40 -29.35 -37.95
CA GLY D 215 -49.05 -29.60 -37.43
C GLY D 215 -47.94 -28.89 -38.18
N THR D 216 -48.31 -28.01 -39.10
CA THR D 216 -47.35 -27.21 -39.87
C THR D 216 -46.61 -26.22 -38.96
N GLU D 217 -45.28 -26.19 -39.08
CA GLU D 217 -44.44 -25.27 -38.32
C GLU D 217 -44.49 -23.88 -38.94
N LEU D 218 -44.87 -22.89 -38.14
CA LEU D 218 -44.96 -21.50 -38.59
C LEU D 218 -44.43 -20.57 -37.49
N TRP D 219 -44.31 -19.29 -37.81
CA TRP D 219 -43.96 -18.28 -36.82
C TRP D 219 -45.13 -17.38 -36.52
N LEU D 220 -45.31 -17.08 -35.23
CA LEU D 220 -46.18 -16.01 -34.79
C LEU D 220 -45.31 -14.78 -34.65
N GLY D 221 -45.80 -13.64 -35.14
CA GLY D 221 -45.17 -12.37 -34.89
C GLY D 221 -46.06 -11.48 -34.05
N VAL D 222 -45.54 -10.98 -32.93
CA VAL D 222 -46.25 -10.03 -32.07
C VAL D 222 -45.54 -8.66 -32.12
N ASP D 223 -46.27 -7.64 -32.56
CA ASP D 223 -45.72 -6.28 -32.65
C ASP D 223 -46.72 -5.21 -32.24
N ALA D 224 -46.33 -3.95 -32.42
CA ALA D 224 -47.13 -2.79 -31.98
C ALA D 224 -48.46 -2.62 -32.73
N LEU D 225 -48.55 -3.22 -33.93
CA LEU D 225 -49.73 -3.11 -34.79
C LEU D 225 -50.68 -4.31 -34.70
N GLY D 226 -50.17 -5.46 -34.27
CA GLY D 226 -51.01 -6.64 -34.11
C GLY D 226 -50.27 -7.97 -34.18
N LEU D 227 -51.01 -9.00 -34.59
CA LEU D 227 -50.45 -10.34 -34.74
C LEU D 227 -50.25 -10.71 -36.19
N ASN D 228 -49.20 -11.48 -36.46
CA ASN D 228 -48.93 -11.97 -37.80
C ASN D 228 -48.53 -13.44 -37.82
N ILE D 229 -48.89 -14.14 -38.89
CA ILE D 229 -48.46 -15.52 -39.09
C ILE D 229 -47.54 -15.55 -40.31
N TYR D 230 -46.38 -16.17 -40.14
CA TYR D 230 -45.37 -16.26 -41.17
C TYR D 230 -45.13 -17.71 -41.55
N GLU D 231 -44.75 -17.94 -42.81
CA GLU D 231 -44.24 -19.23 -43.23
C GLU D 231 -42.88 -19.46 -42.54
N HIS D 232 -42.56 -20.71 -42.22
CA HIS D 232 -41.39 -21.02 -41.39
C HIS D 232 -40.04 -20.58 -41.95
N ASP D 233 -39.97 -20.40 -43.27
CA ASP D 233 -38.72 -20.02 -43.92
C ASP D 233 -38.73 -18.57 -44.43
N ASP D 234 -39.71 -17.79 -43.99
CA ASP D 234 -39.83 -16.40 -44.40
C ASP D 234 -40.37 -15.52 -43.28
N LYS D 235 -39.46 -14.94 -42.51
CA LYS D 235 -39.81 -14.06 -41.39
C LYS D 235 -40.14 -12.63 -41.83
N LEU D 236 -40.03 -12.36 -43.14
CA LEU D 236 -40.19 -11.02 -43.68
C LEU D 236 -41.58 -10.73 -44.23
N THR D 237 -42.27 -11.76 -44.71
CA THR D 237 -43.58 -11.59 -45.34
C THR D 237 -44.69 -12.26 -44.54
N PRO D 238 -45.58 -11.45 -43.93
CA PRO D 238 -46.73 -11.98 -43.21
C PRO D 238 -47.77 -12.54 -44.18
N LYS D 239 -48.16 -13.80 -43.97
CA LYS D 239 -49.20 -14.45 -44.78
C LYS D 239 -50.60 -14.15 -44.26
N ILE D 240 -50.74 -14.04 -42.94
CA ILE D 240 -52.01 -13.68 -42.31
C ILE D 240 -51.75 -12.63 -41.24
N GLY D 241 -52.63 -11.64 -41.14
CA GLY D 241 -52.49 -10.54 -40.19
C GLY D 241 -53.72 -10.28 -39.34
N PHE D 242 -53.52 -10.06 -38.05
CA PHE D 242 -54.58 -9.73 -37.11
C PHE D 242 -54.28 -8.39 -36.43
N PRO D 243 -54.85 -7.28 -36.95
CA PRO D 243 -54.69 -5.97 -36.34
C PRO D 243 -55.31 -5.90 -34.94
N TRP D 244 -54.71 -5.11 -34.05
CA TRP D 244 -55.20 -5.00 -32.66
C TRP D 244 -56.63 -4.46 -32.58
N SER D 245 -57.02 -3.63 -33.55
CA SER D 245 -58.38 -3.07 -33.61
C SER D 245 -59.47 -4.13 -33.79
N GLU D 246 -59.09 -5.27 -34.39
CA GLU D 246 -60.02 -6.37 -34.61
C GLU D 246 -60.05 -7.37 -33.45
N ILE D 247 -59.13 -7.20 -32.49
CA ILE D 247 -58.98 -8.17 -31.39
C ILE D 247 -59.62 -7.69 -30.09
N ARG D 248 -60.34 -8.59 -29.44
CA ARG D 248 -61.03 -8.31 -28.19
C ARG D 248 -60.29 -8.94 -27.01
N ASN D 249 -59.81 -10.16 -27.19
CA ASN D 249 -59.26 -10.96 -26.11
C ASN D 249 -58.24 -12.00 -26.57
N ILE D 250 -57.19 -12.17 -25.76
CA ILE D 250 -56.15 -13.18 -25.98
C ILE D 250 -55.99 -14.00 -24.72
N SER D 251 -56.01 -15.33 -24.87
CA SER D 251 -55.75 -16.24 -23.76
C SER D 251 -55.07 -17.51 -24.23
N PHE D 252 -54.44 -18.22 -23.30
CA PHE D 252 -53.95 -19.55 -23.58
C PHE D 252 -54.18 -20.49 -22.39
N ASN D 253 -54.42 -21.75 -22.73
CA ASN D 253 -54.51 -22.84 -21.76
C ASN D 253 -53.72 -24.03 -22.29
N ASP D 254 -52.82 -24.55 -21.46
CA ASP D 254 -51.84 -25.55 -21.87
C ASP D 254 -51.09 -25.06 -23.11
N LYS D 255 -51.35 -25.67 -24.26
CA LYS D 255 -50.58 -25.35 -25.45
C LYS D 255 -51.43 -24.68 -26.53
N LYS D 256 -52.62 -24.21 -26.14
CA LYS D 256 -53.60 -23.68 -27.08
C LYS D 256 -53.93 -22.21 -26.81
N PHE D 257 -53.68 -21.36 -27.81
CA PHE D 257 -54.00 -19.95 -27.75
C PHE D 257 -55.31 -19.68 -28.46
N VAL D 258 -56.15 -18.82 -27.87
CA VAL D 258 -57.44 -18.44 -28.47
C VAL D 258 -57.51 -16.92 -28.65
N ILE D 259 -57.70 -16.48 -29.88
CA ILE D 259 -57.87 -15.06 -30.19
C ILE D 259 -59.34 -14.78 -30.45
N LYS D 260 -59.90 -13.86 -29.66
CA LYS D 260 -61.31 -13.49 -29.76
C LYS D 260 -61.46 -12.20 -30.56
N PRO D 261 -62.36 -12.21 -31.56
CA PRO D 261 -62.60 -11.02 -32.38
C PRO D 261 -63.55 -10.02 -31.73
N ILE D 262 -63.41 -8.76 -32.14
CA ILE D 262 -64.32 -7.69 -31.75
C ILE D 262 -65.70 -7.92 -32.38
N ASP D 263 -65.69 -8.38 -33.63
CA ASP D 263 -66.91 -8.61 -34.41
C ASP D 263 -67.95 -9.44 -33.65
N LYS D 264 -67.55 -10.61 -33.16
CA LYS D 264 -68.42 -11.55 -32.42
C LYS D 264 -69.31 -12.44 -33.28
N LYS D 265 -69.64 -11.98 -34.49
CA LYS D 265 -70.21 -12.87 -35.50
C LYS D 265 -69.08 -13.74 -36.05
N ALA D 266 -67.88 -13.15 -36.10
CA ALA D 266 -66.67 -13.83 -36.57
C ALA D 266 -66.25 -14.98 -35.63
N PRO D 267 -65.64 -16.03 -36.19
CA PRO D 267 -65.17 -17.15 -35.37
C PRO D 267 -63.88 -16.84 -34.59
N ASP D 268 -63.55 -17.68 -33.63
CA ASP D 268 -62.29 -17.58 -32.91
C ASP D 268 -61.12 -17.97 -33.80
N PHE D 269 -59.95 -17.41 -33.51
CA PHE D 269 -58.71 -17.86 -34.13
C PHE D 269 -57.86 -18.61 -33.12
N VAL D 270 -57.50 -19.84 -33.46
CA VAL D 270 -56.74 -20.68 -32.54
C VAL D 270 -55.44 -21.19 -33.17
N PHE D 271 -54.36 -21.11 -32.40
CA PHE D 271 -53.08 -21.67 -32.79
C PHE D 271 -52.44 -22.35 -31.60
N TYR D 272 -51.37 -23.10 -31.85
CA TYR D 272 -50.74 -23.91 -30.81
C TYR D 272 -49.26 -23.58 -30.65
N ALA D 273 -48.79 -23.56 -29.41
CA ALA D 273 -47.40 -23.28 -29.08
C ALA D 273 -46.94 -24.17 -27.91
N PRO D 274 -45.73 -24.75 -28.00
CA PRO D 274 -45.37 -25.87 -27.12
C PRO D 274 -44.93 -25.55 -25.69
N ARG D 275 -44.10 -24.53 -25.47
CA ARG D 275 -43.55 -24.26 -24.14
C ARG D 275 -44.32 -23.22 -23.32
N LEU D 276 -44.67 -23.59 -22.09
CA LEU D 276 -45.40 -22.72 -21.16
C LEU D 276 -44.60 -21.44 -20.84
N ARG D 277 -43.34 -21.63 -20.51
CA ARG D 277 -42.38 -20.55 -20.25
C ARG D 277 -42.42 -19.49 -21.36
N ILE D 278 -42.46 -19.94 -22.61
CA ILE D 278 -42.52 -19.06 -23.77
C ILE D 278 -43.92 -18.47 -23.95
N ASN D 279 -44.93 -19.29 -23.70
CA ASN D 279 -46.33 -18.88 -23.84
C ASN D 279 -46.72 -17.70 -22.95
N LYS D 280 -46.15 -17.65 -21.74
CA LYS D 280 -46.40 -16.54 -20.83
C LYS D 280 -45.90 -15.21 -21.40
N ARG D 281 -44.72 -15.25 -22.02
CA ARG D 281 -44.16 -14.07 -22.70
C ARG D 281 -45.05 -13.62 -23.87
N ILE D 282 -45.51 -14.57 -24.68
CA ILE D 282 -46.43 -14.28 -25.78
C ILE D 282 -47.65 -13.51 -25.26
N LEU D 283 -48.27 -14.04 -24.21
CA LEU D 283 -49.44 -13.42 -23.59
C LEU D 283 -49.12 -12.01 -23.09
N ALA D 284 -48.01 -11.87 -22.35
CA ALA D 284 -47.62 -10.58 -21.80
C ALA D 284 -47.37 -9.56 -22.91
N LEU D 285 -46.69 -9.98 -23.97
CA LEU D 285 -46.41 -9.12 -25.12
C LEU D 285 -47.69 -8.70 -25.86
N CYS D 286 -48.65 -9.61 -25.98
CA CYS D 286 -49.93 -9.32 -26.64
C CYS D 286 -50.73 -8.27 -25.88
N MET D 287 -50.87 -8.48 -24.57
CA MET D 287 -51.66 -7.59 -23.73
C MET D 287 -51.03 -6.21 -23.62
N GLY D 288 -49.70 -6.17 -23.46
CA GLY D 288 -48.94 -4.93 -23.46
C GLY D 288 -49.06 -4.16 -24.76
N ASN D 289 -48.79 -4.83 -25.88
CA ASN D 289 -48.91 -4.19 -27.20
C ASN D 289 -50.33 -3.72 -27.50
N HIS D 290 -51.32 -4.55 -27.17
CA HIS D 290 -52.73 -4.20 -27.34
C HIS D 290 -53.08 -2.93 -26.54
N GLU D 291 -52.71 -2.91 -25.25
CA GLU D 291 -52.98 -1.77 -24.37
C GLU D 291 -52.38 -0.46 -24.91
N LEU D 292 -51.11 -0.50 -25.29
CA LEU D 292 -50.43 0.69 -25.83
C LEU D 292 -51.02 1.12 -27.17
N TYR D 293 -51.52 0.15 -27.94
CA TYR D 293 -52.23 0.43 -29.19
C TYR D 293 -53.53 1.21 -28.94
N MET D 294 -54.26 0.82 -27.88
CA MET D 294 -55.51 1.50 -27.54
C MET D 294 -55.28 2.88 -26.94
N ARG D 295 -54.30 2.99 -26.05
CA ARG D 295 -53.97 4.27 -25.40
C ARG D 295 -53.46 5.31 -26.40
N ARG D 296 -52.89 4.84 -27.51
CA ARG D 296 -52.35 5.67 -28.58
C ARG D 296 -53.47 6.39 -29.36
N ARG D 297 -54.69 5.89 -29.23
CA ARG D 297 -55.83 6.41 -29.97
C ARG D 297 -56.81 7.21 -29.11
N LYS D 298 -57.04 8.46 -29.51
CA LYS D 298 -57.82 9.46 -28.77
C LYS D 298 -57.19 9.88 -27.44
N PRO D 299 -56.93 11.18 -27.31
CA PRO D 299 -56.49 11.83 -26.07
C PRO D 299 -55.11 11.41 -25.54
N ASP D 300 -54.12 12.28 -25.76
CA ASP D 300 -52.78 12.09 -25.18
C ASP D 300 -52.81 12.45 -23.70
N THR D 301 -52.24 11.57 -22.87
CA THR D 301 -52.30 11.70 -21.40
C THR D 301 -51.52 12.90 -20.89
N SER E 9 -12.16 33.80 6.81
CA SER E 9 -11.14 33.69 5.72
C SER E 9 -10.87 32.23 5.35
N SER E 10 -10.65 32.00 4.05
CA SER E 10 -10.30 30.66 3.54
C SER E 10 -8.87 30.28 3.94
N LYS E 11 -8.54 28.99 3.79
CA LYS E 11 -7.24 28.47 4.21
C LYS E 11 -6.10 28.85 3.25
N ARG E 12 -5.75 30.14 3.28
CA ARG E 12 -4.67 30.69 2.47
C ARG E 12 -3.43 30.95 3.31
N ALA E 13 -2.28 31.07 2.65
CA ALA E 13 -1.00 31.28 3.32
C ALA E 13 -0.91 32.67 3.95
N PRO E 14 -0.22 32.78 5.10
CA PRO E 14 0.01 34.09 5.74
C PRO E 14 0.72 35.08 4.82
N GLN E 15 0.32 36.35 4.92
CA GLN E 15 0.83 37.40 4.04
C GLN E 15 2.23 37.87 4.43
N MET E 16 3.07 38.09 3.42
CA MET E 16 4.46 38.56 3.60
C MET E 16 5.09 38.92 2.25
N ASP E 17 6.18 39.71 2.29
CA ASP E 17 6.95 40.05 1.09
C ASP E 17 7.93 38.94 0.74
N TRP E 18 8.50 39.02 -0.47
CA TRP E 18 9.35 37.96 -1.00
C TRP E 18 10.64 37.68 -0.22
N SER E 19 11.19 38.71 0.42
CA SER E 19 12.37 38.53 1.28
C SER E 19 11.99 37.72 2.52
N LYS E 20 10.83 38.04 3.09
CA LYS E 20 10.30 37.33 4.25
C LYS E 20 9.90 35.89 3.90
N LYS E 21 9.48 35.68 2.65
CA LYS E 21 9.16 34.33 2.16
C LYS E 21 10.42 33.47 2.13
N ASN E 22 11.51 34.02 1.60
CA ASN E 22 12.79 33.32 1.53
C ASN E 22 13.38 32.98 2.89
N GLU E 23 13.32 33.93 3.82
CA GLU E 23 13.83 33.72 5.18
C GLU E 23 13.08 32.61 5.89
N LEU E 24 11.75 32.61 5.73
CA LEU E 24 10.89 31.62 6.37
C LEU E 24 11.07 30.24 5.76
N PHE E 25 11.19 30.20 4.43
CA PHE E 25 11.42 28.97 3.67
C PHE E 25 12.75 28.33 4.04
N SER E 26 13.78 29.17 4.14
CA SER E 26 15.17 28.72 4.27
C SER E 26 15.52 28.02 5.58
N ASN E 27 14.65 28.12 6.59
CA ASN E 27 14.87 27.41 7.85
C ASN E 27 13.64 26.68 8.41
N LEU E 28 12.77 26.23 7.51
CA LEU E 28 11.55 25.50 7.88
C LEU E 28 11.82 24.13 8.51
N SER F 9 10.45 -23.17 -12.04
CA SER F 9 11.77 -23.77 -11.71
C SER F 9 11.78 -24.44 -10.33
N SER F 10 10.79 -24.13 -9.50
CA SER F 10 10.69 -24.68 -8.15
C SER F 10 9.28 -25.13 -7.77
N LYS F 11 8.33 -24.19 -7.80
CA LYS F 11 6.95 -24.43 -7.37
C LYS F 11 6.05 -24.94 -8.51
N ARG F 12 5.96 -24.15 -9.59
CA ARG F 12 5.08 -24.44 -10.74
C ARG F 12 3.60 -24.58 -10.35
N ALA F 13 2.79 -25.18 -11.23
CA ALA F 13 1.36 -25.41 -10.93
C ALA F 13 0.79 -26.76 -11.39
N PRO F 14 0.99 -27.15 -12.68
CA PRO F 14 1.66 -26.47 -13.80
C PRO F 14 0.76 -25.47 -14.52
N GLN F 15 1.37 -24.59 -15.30
CA GLN F 15 0.66 -23.50 -15.99
C GLN F 15 -0.35 -23.99 -17.03
N MET F 16 -1.42 -23.22 -17.20
CA MET F 16 -2.42 -23.41 -18.23
C MET F 16 -3.23 -22.12 -18.30
N ASP F 17 -4.04 -21.96 -19.35
CA ASP F 17 -4.87 -20.76 -19.51
C ASP F 17 -5.91 -20.62 -18.40
N TRP F 18 -6.37 -19.39 -18.18
CA TRP F 18 -7.26 -19.05 -17.06
C TRP F 18 -8.62 -19.75 -17.09
N SER F 19 -9.01 -20.27 -18.25
CA SER F 19 -10.26 -21.03 -18.41
C SER F 19 -10.22 -22.34 -17.62
N LYS F 20 -9.13 -23.11 -17.78
CA LYS F 20 -8.95 -24.35 -17.05
C LYS F 20 -8.63 -24.09 -15.57
N LYS F 21 -8.11 -22.90 -15.28
CA LYS F 21 -7.88 -22.46 -13.89
C LYS F 21 -9.20 -22.35 -13.13
N ASN F 22 -10.22 -21.79 -13.77
CA ASN F 22 -11.56 -21.73 -13.21
C ASN F 22 -12.20 -23.11 -13.05
N GLU F 23 -11.97 -23.98 -14.03
CA GLU F 23 -12.46 -25.37 -13.99
C GLU F 23 -12.00 -26.10 -12.74
N LEU F 24 -10.68 -26.17 -12.55
CA LEU F 24 -10.08 -26.90 -11.44
C LEU F 24 -10.54 -26.37 -10.08
N PHE F 25 -10.45 -25.05 -9.93
CA PHE F 25 -10.80 -24.38 -8.67
C PHE F 25 -12.24 -24.65 -8.22
N SER F 26 -13.16 -24.64 -9.17
CA SER F 26 -14.58 -24.89 -8.90
C SER F 26 -14.85 -26.35 -8.56
N ASN F 27 -13.98 -27.25 -9.03
CA ASN F 27 -14.13 -28.69 -8.81
C ASN F 27 -13.37 -29.23 -7.57
N LEU F 28 -12.52 -28.40 -6.98
CA LEU F 28 -11.75 -28.79 -5.79
C LEU F 28 -12.64 -29.08 -4.59
N SER G 9 45.89 14.65 28.03
CA SER G 9 45.51 14.06 29.36
C SER G 9 44.89 15.11 30.29
N SER G 10 44.51 14.68 31.49
CA SER G 10 43.98 15.57 32.52
C SER G 10 45.11 16.12 33.40
N LYS G 11 44.75 16.91 34.41
CA LYS G 11 45.72 17.50 35.34
C LYS G 11 46.29 16.44 36.29
N ARG G 12 47.58 16.13 36.11
CA ARG G 12 48.26 15.12 36.92
C ARG G 12 48.85 15.69 38.22
N ALA G 13 49.39 14.80 39.06
CA ALA G 13 50.02 15.18 40.33
C ALA G 13 51.42 15.79 40.12
N PRO G 14 51.78 16.80 40.95
CA PRO G 14 53.08 17.49 40.87
C PRO G 14 54.31 16.56 40.90
N GLN G 15 55.41 17.02 40.32
CA GLN G 15 56.64 16.24 40.23
C GLN G 15 57.50 16.36 41.49
N MET G 16 58.05 15.22 41.93
CA MET G 16 58.90 15.13 43.12
C MET G 16 59.64 13.80 43.17
N ASP G 17 60.75 13.74 43.89
CA ASP G 17 61.49 12.49 44.07
C ASP G 17 60.80 11.59 45.10
N TRP G 18 61.09 10.29 45.04
CA TRP G 18 60.42 9.28 45.87
C TRP G 18 60.48 9.53 47.39
N SER G 19 61.56 10.15 47.86
CA SER G 19 61.72 10.47 49.28
C SER G 19 60.70 11.51 49.74
N LYS G 20 60.42 12.48 48.87
CA LYS G 20 59.44 13.53 49.16
C LYS G 20 58.00 13.00 49.13
N LYS G 21 57.81 11.89 48.42
CA LYS G 21 56.49 11.25 48.31
C LYS G 21 56.09 10.61 49.64
N ASN G 22 56.98 9.79 50.20
CA ASN G 22 56.78 9.15 51.51
C ASN G 22 56.50 10.15 52.63
N GLU G 23 57.26 11.25 52.63
CA GLU G 23 57.12 12.30 53.63
C GLU G 23 55.75 12.98 53.55
N LEU G 24 55.32 13.27 52.33
CA LEU G 24 54.02 13.91 52.08
C LEU G 24 52.87 12.95 52.37
N PHE G 25 53.11 11.66 52.14
CA PHE G 25 52.12 10.60 52.39
C PHE G 25 51.84 10.39 53.88
N SER G 26 52.86 10.62 54.71
CA SER G 26 52.74 10.47 56.16
C SER G 26 51.91 11.59 56.79
N ASN G 27 52.10 12.81 56.31
CA ASN G 27 51.42 13.98 56.85
C ASN G 27 49.96 14.14 56.42
N LEU G 28 49.56 13.38 55.40
CA LEU G 28 48.21 13.46 54.84
C LEU G 28 47.11 13.16 55.85
N SER H 9 -42.14 1.37 -47.48
CA SER H 9 -41.48 0.28 -46.69
C SER H 9 -42.45 -0.41 -45.73
N SER H 10 -42.10 -1.64 -45.34
CA SER H 10 -42.92 -2.49 -44.46
C SER H 10 -44.26 -2.88 -45.08
N LYS H 11 -44.29 -4.09 -45.66
CA LYS H 11 -45.49 -4.63 -46.30
C LYS H 11 -46.29 -5.54 -45.36
N ARG H 12 -47.56 -5.19 -45.17
CA ARG H 12 -48.46 -5.96 -44.32
C ARG H 12 -49.79 -6.23 -45.03
N ALA H 13 -50.02 -7.48 -45.39
CA ALA H 13 -51.20 -7.89 -46.17
C ALA H 13 -51.67 -9.30 -45.80
N PRO H 14 -52.89 -9.69 -46.24
CA PRO H 14 -53.97 -8.93 -46.88
C PRO H 14 -55.13 -8.58 -45.93
N GLN H 15 -56.18 -7.97 -46.48
CA GLN H 15 -57.40 -7.66 -45.72
C GLN H 15 -58.47 -8.71 -46.00
N MET H 16 -59.02 -9.29 -44.93
CA MET H 16 -60.02 -10.35 -45.03
C MET H 16 -60.72 -10.61 -43.69
N ASP H 17 -61.76 -11.42 -43.72
CA ASP H 17 -62.47 -11.83 -42.50
C ASP H 17 -61.85 -13.09 -41.88
N TRP H 18 -62.21 -13.35 -40.64
CA TRP H 18 -61.60 -14.40 -39.82
C TRP H 18 -61.93 -15.83 -40.26
N SER H 19 -63.05 -15.98 -40.98
CA SER H 19 -63.43 -17.27 -41.55
C SER H 19 -62.41 -17.71 -42.60
N LYS H 20 -62.02 -16.76 -43.45
CA LYS H 20 -61.00 -16.99 -44.48
C LYS H 20 -59.61 -17.07 -43.86
N LYS H 21 -59.39 -16.33 -42.78
CA LYS H 21 -58.13 -16.35 -42.03
C LYS H 21 -57.87 -17.72 -41.42
N ASN H 22 -58.91 -18.32 -40.85
CA ASN H 22 -58.83 -19.67 -40.32
C ASN H 22 -58.62 -20.70 -41.43
N GLU H 23 -59.32 -20.51 -42.54
CA GLU H 23 -59.22 -21.38 -43.70
C GLU H 23 -57.80 -21.42 -44.24
N LEU H 24 -57.19 -20.25 -44.40
CA LEU H 24 -55.79 -20.14 -44.80
C LEU H 24 -54.89 -20.87 -43.81
N PHE H 25 -55.00 -20.48 -42.54
CA PHE H 25 -54.19 -21.03 -41.45
C PHE H 25 -54.26 -22.56 -41.37
N SER H 26 -55.46 -23.11 -41.55
CA SER H 26 -55.67 -24.56 -41.53
C SER H 26 -54.94 -25.26 -42.68
N ASN H 27 -54.90 -24.59 -43.82
CA ASN H 27 -54.33 -25.16 -45.05
C ASN H 27 -52.82 -25.04 -45.18
N LEU H 28 -52.23 -24.07 -44.48
CA LEU H 28 -50.78 -23.86 -44.50
C LEU H 28 -50.03 -25.13 -44.10
#